data_9K3F
#
_entry.id   9K3F
#
_cell.length_a   1.00
_cell.length_b   1.00
_cell.length_c   1.00
_cell.angle_alpha   90.00
_cell.angle_beta   90.00
_cell.angle_gamma   90.00
#
_symmetry.space_group_name_H-M   'P 1'
#
loop_
_entity.id
_entity.type
_entity.pdbx_description
1 polymer 'Melanocortin receptor 3,Melanocortin receptor 3,Melanocortin receptor 3,LgBiT subunit'
2 polymer 'Guanine nucleotide-binding protein G(i) subunit alpha-1,Guanine nucleotide-binding protein G(s) subunit alpha isoforms short'
3 polymer 'Guanine nucleotide-binding protein G(I)/G(S)/G(T) subunit beta-1,Guanine nucleotide-binding protein G(I)/G(S)/G(T) subunit beta-1,Guanine nucleotide-binding protein G(I)/G(S)/G(T) subunit beta-1,HiBiT'
4 polymer 'Guanine nucleotide-binding protein G(I)/G(S)/G(O) subunit gamma-2'
5 polymer scFv16
#
loop_
_entity_poly.entity_id
_entity_poly.type
_entity_poly.pdbx_seq_one_letter_code
_entity_poly.pdbx_strand_id
1 'polypeptide(L)'
;MNASCCLPSVQPTLPNGSEHLQAPFFSNQSSSAFCEQVFIKPEVFLSLGIVSLLENILVILAVVRNGNLHSPMYFFLCSL
AVADMLVSVSNALETIMIAIVHSDYLTFEDQFIQHMDNIFDSMICISLVASICNLLAIAVDRYVTIFYALRYHSIMTVRK
ALTLIVAIWVCCGVCGVVFIVYSESKMVIVCLITMFFAMMLLMGTLYVHMFLFARLHVKRIAALPPADGVAPQQHSCMKG
AVTITILLGVFIFCWAPFFLHLVLIITCPTNPYCICYTAHFNTYLVLIMCNSVIDPLIYAFRSLELRNTFREILCGCNGM
NLGGSSGGGGSGGGGSSGVFTLEDFVGDWEQTAAYNLDQVLEQGGVSSLLQNLAVSVTPIQRIVRSGENALKIDIHVIIP
YEGLSADQMAQIEEVFKVVYPVDDHHFKVILPYGTLVIDGVTPNMLNYFGRPYEGIAVFDGKKITVTGTLWNGNKIIDER
LITPDGSMLFRVTINS
;
R
2 'polypeptide(L)'
;MGCTLSAEDKAAVERSKMIEKQLQKDKQVYRATHRLLLLGADNSGKSTIVKQMRIYHVNGYSEEECKQYKAVVYSNTIQS
IIAIIRAMGRLKIDFGDSARADDARQLFVLAGAAEEGFMTAELAGVIKRLWKDSGVQACFNRSREYQLNDSAAYYLNDLD
RIAQPNYIPTQQDVLRTRVKTSGIFETKFQVDKVNFHMFDVGAQRDERRKWIQCFNDVTAIIFVVDSSDYNRLQEALNDF
KSIWNNRWLRTISVILFLNKQDLLAEKVLAGKSKIEDYFPEFARYTTPEDATPEPGEDPRVTRAKYFIRDEFLRISTASG
DGRHYCYPHFTCSVDTENARRIFNDCRDIIQRMHLRQYELL
;
A
3 'polypeptide(L)'
;MGSLLQSELDQLRQEAEQLKNQIRDARKACADATLSQITNNIDPVGRIQMRTRRTLRGHLAKIYAMHWGTDSRLLVSASQ
DGKLIIWDSYTTNKVHAIPLRSSWVMTCAYAPSGNYVACGGLDNICSIYNLKTREGNVRVSRELAGHTGYLSCCRFLDDN
QIVTSSGDTTCALWDIETGQQTTTFTGHTGDVMSLSLAPDTRLFVSGACDASAKLWDVREGMCRQTFTGHESDINAICFF
PNGNAFATGSDDATCRLFDLRADQELMTYSHDNIICGITSVSFSKSGRLLLAGYDDFNCNVWDALKADRAGVLAGHDNRV
SCLGVTDDGMAVATGSWDSFLKIWNGSSGGGGSGGGGSSGVSGWRLFKKIS
;
B
4 'polypeptide(L)' MASNNTASIAQARKLVEQLKMEANIDRIKVSKAAADLMAYCEAHAKEDPLLTPVPASENPFREKKFFCAIL G
5 'polypeptide(L)'
;MLLVNQSHQGFNKEHTSKMVSAIVLYVLLAAAAHSAFAVQLVESGGGLVQPGGSRKLSCSASGFAFSSFGMHWVRQAPEK
GLEWVAYISSGSGTIYYADTVKGRFTISRDDPKNTLFLQMTSLRSEDTAMYYCVRSIYYYGSSPFDFWGQGTTLTVSAGG
GGSGGGGSGGGGSADIVMTQATSSVPVTPGESVSISCRSSKSLLHSNGNTYLYWFLQRPGQSPQLLIYRMSNLASGVPDR
FSGSGSGTAFTLTISRLEAEDVGVYYCMQHLEYPLTFGAGTKLEL
;
S
#
# COMPACT_ATOMS: atom_id res chain seq x y z
N CYS A 35 41.99 -21.79 41.24
CA CYS A 35 43.32 -21.58 41.78
C CYS A 35 44.36 -21.55 40.66
N GLU A 36 44.23 -22.47 39.70
CA GLU A 36 45.16 -22.50 38.58
C GLU A 36 44.41 -22.45 37.26
N GLN A 37 45.08 -22.00 36.20
CA GLN A 37 44.43 -21.92 34.89
C GLN A 37 43.85 -23.26 34.45
N VAL A 38 42.87 -23.22 33.57
CA VAL A 38 42.23 -24.45 33.12
C VAL A 38 42.41 -24.67 31.64
N PHE A 39 42.08 -25.87 31.16
CA PHE A 39 42.25 -26.18 29.75
C PHE A 39 40.99 -26.83 29.19
N ILE A 40 39.86 -26.15 29.36
CA ILE A 40 38.60 -26.66 28.82
C ILE A 40 38.82 -26.99 27.35
N LYS A 41 38.33 -28.15 26.95
CA LYS A 41 38.59 -28.62 25.60
C LYS A 41 37.99 -27.68 24.57
N PRO A 42 38.72 -27.37 23.49
CA PRO A 42 38.11 -26.68 22.36
C PRO A 42 37.11 -27.54 21.60
N GLU A 43 36.76 -28.70 22.12
CA GLU A 43 35.65 -29.49 21.60
C GLU A 43 34.29 -28.89 21.95
N VAL A 44 34.23 -27.94 22.89
CA VAL A 44 32.95 -27.33 23.23
C VAL A 44 32.79 -25.95 22.60
N PHE A 45 33.88 -25.23 22.34
CA PHE A 45 33.74 -23.96 21.64
C PHE A 45 33.21 -24.19 20.24
N LEU A 46 33.57 -25.30 19.62
CA LEU A 46 33.01 -25.62 18.32
C LEU A 46 31.50 -25.80 18.43
N SER A 47 31.04 -26.53 19.45
CA SER A 47 29.61 -26.76 19.60
C SER A 47 28.85 -25.47 19.87
N LEU A 48 29.39 -24.64 20.78
CA LEU A 48 28.74 -23.37 21.10
C LEU A 48 28.72 -22.45 19.90
N GLY A 49 29.83 -22.35 19.18
CA GLY A 49 29.85 -21.53 17.97
C GLY A 49 28.85 -22.02 16.95
N ILE A 50 28.75 -23.33 16.75
CA ILE A 50 27.80 -23.86 15.78
C ILE A 50 26.37 -23.50 16.21
N VAL A 51 26.06 -23.69 17.48
CA VAL A 51 24.70 -23.41 17.96
C VAL A 51 24.37 -21.93 17.81
N SER A 52 25.30 -21.07 18.23
CA SER A 52 25.06 -19.64 18.16
C SER A 52 24.90 -19.17 16.72
N LEU A 53 25.79 -19.63 15.84
CA LEU A 53 25.69 -19.24 14.44
C LEU A 53 24.38 -19.72 13.84
N LEU A 54 23.98 -20.95 14.14
CA LEU A 54 22.73 -21.47 13.60
C LEU A 54 21.55 -20.62 14.04
N GLU A 55 21.41 -20.40 15.35
CA GLU A 55 20.23 -19.70 15.86
C GLU A 55 20.20 -18.25 15.38
N ASN A 56 21.34 -17.58 15.42
CA ASN A 56 21.35 -16.17 15.03
C ASN A 56 21.15 -16.00 13.54
N ILE A 57 21.67 -16.91 12.72
CA ILE A 57 21.39 -16.86 11.29
C ILE A 57 19.90 -17.05 11.06
N LEU A 58 19.27 -17.96 11.80
CA LEU A 58 17.83 -18.14 11.65
C LEU A 58 17.08 -16.86 11.98
N VAL A 59 17.46 -16.19 13.06
CA VAL A 59 16.78 -14.96 13.43
C VAL A 59 16.94 -13.90 12.34
N ILE A 60 18.18 -13.69 11.90
CA ILE A 60 18.44 -12.62 10.96
C ILE A 60 17.87 -12.93 9.60
N LEU A 61 17.59 -14.20 9.32
CA LEU A 61 16.92 -14.55 8.08
C LEU A 61 15.41 -14.38 8.23
N ALA A 62 14.88 -14.72 9.39
CA ALA A 62 13.45 -14.59 9.61
C ALA A 62 13.01 -13.15 9.50
N VAL A 63 13.84 -12.22 9.98
CA VAL A 63 13.44 -10.81 9.89
C VAL A 63 13.34 -10.38 8.43
N VAL A 64 14.29 -10.80 7.60
CA VAL A 64 14.32 -10.32 6.22
C VAL A 64 13.42 -11.16 5.31
N ARG A 65 12.86 -12.25 5.81
CA ARG A 65 11.87 -12.98 5.04
C ARG A 65 10.45 -12.48 5.28
N ASN A 66 10.24 -11.53 6.18
CA ASN A 66 8.92 -10.94 6.40
C ASN A 66 9.02 -9.43 6.34
N GLY A 67 8.00 -8.82 5.74
CA GLY A 67 7.97 -7.39 5.54
C GLY A 67 7.13 -6.72 6.60
N ASN A 68 6.30 -7.50 7.27
CA ASN A 68 5.64 -7.06 8.49
C ASN A 68 6.54 -7.17 9.70
N LEU A 69 7.85 -7.31 9.48
CA LEU A 69 8.88 -7.24 10.50
C LEU A 69 9.94 -6.22 10.13
N HIS A 70 9.53 -5.09 9.55
CA HIS A 70 10.42 -3.95 9.32
C HIS A 70 10.10 -2.79 10.24
N SER A 71 9.82 -3.09 11.49
CA SER A 71 9.68 -2.10 12.55
C SER A 71 10.98 -2.01 13.34
N PRO A 72 11.16 -0.95 14.12
CA PRO A 72 12.43 -0.79 14.84
C PRO A 72 12.83 -1.95 15.72
N MET A 73 11.87 -2.61 16.38
CA MET A 73 12.21 -3.66 17.32
C MET A 73 12.92 -4.81 16.62
N TYR A 74 12.44 -5.19 15.43
CA TYR A 74 13.03 -6.32 14.74
C TYR A 74 14.31 -5.96 14.01
N PHE A 75 14.67 -4.69 13.96
CA PHE A 75 16.01 -4.30 13.54
C PHE A 75 16.98 -4.30 14.70
N PHE A 76 16.51 -3.90 15.88
CA PHE A 76 17.35 -4.00 17.05
C PHE A 76 17.67 -5.44 17.37
N LEU A 77 16.70 -6.34 17.18
CA LEU A 77 16.95 -7.76 17.37
C LEU A 77 18.04 -8.26 16.40
N CYS A 78 17.99 -7.82 15.15
CA CYS A 78 19.01 -8.22 14.18
C CYS A 78 20.39 -7.71 14.56
N SER A 79 20.47 -6.46 15.03
CA SER A 79 21.75 -5.95 15.48
C SER A 79 22.30 -6.78 16.63
N LEU A 80 21.43 -7.16 17.56
CA LEU A 80 21.86 -8.04 18.64
C LEU A 80 22.35 -9.38 18.10
N ALA A 81 21.65 -9.96 17.14
CA ALA A 81 22.02 -11.27 16.63
C ALA A 81 23.36 -11.23 15.92
N VAL A 82 23.62 -10.20 15.11
CA VAL A 82 24.90 -10.10 14.42
C VAL A 82 26.01 -9.85 15.42
N ALA A 83 25.74 -9.05 16.45
CA ALA A 83 26.74 -8.87 17.50
C ALA A 83 27.06 -10.18 18.19
N ASP A 84 26.04 -11.00 18.46
CA ASP A 84 26.29 -12.25 19.16
C ASP A 84 27.07 -13.22 18.29
N MET A 85 26.74 -13.32 17.00
CA MET A 85 27.58 -14.10 16.10
C MET A 85 29.02 -13.62 16.13
N LEU A 86 29.21 -12.31 16.06
CA LEU A 86 30.57 -11.78 16.03
C LEU A 86 31.32 -12.18 17.30
N VAL A 87 30.65 -12.12 18.45
CA VAL A 87 31.31 -12.50 19.70
C VAL A 87 31.72 -13.96 19.65
N SER A 88 30.79 -14.81 19.22
CA SER A 88 31.05 -16.25 19.30
C SER A 88 32.16 -16.65 18.33
N VAL A 89 32.16 -16.05 17.13
CA VAL A 89 33.25 -16.33 16.20
C VAL A 89 34.55 -15.76 16.69
N SER A 90 34.53 -14.64 17.42
CA SER A 90 35.78 -14.08 17.89
C SER A 90 36.45 -15.00 18.90
N ASN A 91 35.67 -15.44 19.90
CA ASN A 91 36.22 -16.37 20.87
C ASN A 91 36.53 -17.72 20.26
N ALA A 92 35.86 -18.10 19.18
CA ALA A 92 36.22 -19.33 18.48
C ALA A 92 37.50 -19.20 17.68
N LEU A 93 37.71 -18.05 17.03
CA LEU A 93 38.88 -17.85 16.20
C LEU A 93 40.15 -17.75 17.03
N GLU A 94 40.08 -17.10 18.19
CA GLU A 94 41.28 -17.08 19.02
C GLU A 94 41.66 -18.50 19.45
N THR A 95 40.67 -19.32 19.80
CA THR A 95 40.97 -20.69 20.21
C THR A 95 41.49 -21.53 19.05
N ILE A 96 40.89 -21.38 17.86
CA ILE A 96 41.34 -22.14 16.70
C ILE A 96 42.77 -21.77 16.34
N MET A 97 43.08 -20.48 16.36
CA MET A 97 44.45 -20.04 16.10
C MET A 97 45.42 -20.62 17.13
N ILE A 98 45.03 -20.60 18.40
CA ILE A 98 45.90 -21.16 19.43
C ILE A 98 46.14 -22.64 19.19
N ALA A 99 45.07 -23.37 18.85
CA ALA A 99 45.20 -24.81 18.60
C ALA A 99 46.06 -25.10 17.39
N ILE A 100 45.93 -24.33 16.32
CA ILE A 100 46.71 -24.55 15.11
C ILE A 100 48.19 -24.22 15.35
N VAL A 101 48.48 -23.10 16.00
CA VAL A 101 49.86 -22.71 16.24
C VAL A 101 50.52 -23.69 17.21
N HIS A 102 49.82 -24.06 18.29
CA HIS A 102 50.38 -24.97 19.28
C HIS A 102 50.61 -26.37 18.73
N SER A 103 49.83 -26.79 17.74
CA SER A 103 50.00 -28.10 17.13
C SER A 103 51.29 -28.22 16.34
N ASP A 104 52.00 -27.12 16.10
CA ASP A 104 53.26 -27.11 15.36
C ASP A 104 53.08 -27.67 13.96
N TYR A 105 51.91 -27.41 13.38
CA TYR A 105 51.61 -27.76 12.00
C TYR A 105 51.49 -26.48 11.18
N LEU A 106 52.05 -26.49 9.97
CA LEU A 106 52.15 -25.29 9.14
C LEU A 106 52.90 -24.19 9.89
N THR A 107 54.18 -24.49 10.13
CA THR A 107 55.04 -23.69 11.01
C THR A 107 54.92 -22.20 10.73
N PHE A 108 54.71 -21.43 11.79
CA PHE A 108 54.60 -19.97 11.71
C PHE A 108 55.50 -19.35 12.76
N GLU A 109 56.01 -18.16 12.44
CA GLU A 109 56.92 -17.45 13.32
C GLU A 109 56.17 -16.83 14.49
N ASP A 110 56.86 -16.68 15.62
CA ASP A 110 56.27 -16.08 16.80
C ASP A 110 56.26 -14.56 16.75
N GLN A 111 56.85 -13.96 15.73
CA GLN A 111 56.87 -12.51 15.63
C GLN A 111 55.47 -11.93 15.48
N PHE A 112 54.64 -12.54 14.62
CA PHE A 112 53.30 -12.05 14.37
C PHE A 112 52.25 -12.69 15.28
N ILE A 113 52.60 -13.73 16.03
CA ILE A 113 51.66 -14.29 17.00
C ILE A 113 51.33 -13.26 18.06
N GLN A 114 52.35 -12.54 18.54
CA GLN A 114 52.12 -11.40 19.43
C GLN A 114 51.62 -10.18 18.67
N HIS A 115 51.39 -10.30 17.36
CA HIS A 115 50.73 -9.26 16.59
C HIS A 115 49.28 -9.60 16.30
N MET A 116 48.88 -10.86 16.49
CA MET A 116 47.50 -11.28 16.31
C MET A 116 46.77 -11.54 17.61
N ASP A 117 47.49 -11.95 18.66
CA ASP A 117 46.87 -12.17 19.97
C ASP A 117 46.29 -10.90 20.56
N ASN A 118 46.73 -9.73 20.09
CA ASN A 118 46.12 -8.47 20.51
C ASN A 118 44.99 -8.02 19.59
N ILE A 119 45.08 -8.31 18.30
CA ILE A 119 44.00 -7.98 17.37
C ILE A 119 42.75 -8.78 17.74
N PHE A 120 42.93 -10.07 18.06
CA PHE A 120 41.78 -10.89 18.43
C PHE A 120 41.13 -10.40 19.72
N ASP A 121 41.93 -10.00 20.71
CA ASP A 121 41.36 -9.47 21.93
C ASP A 121 40.69 -8.12 21.68
N SER A 122 41.21 -7.33 20.75
CA SER A 122 40.53 -6.09 20.38
C SER A 122 39.17 -6.38 19.77
N MET A 123 39.09 -7.42 18.95
CA MET A 123 37.79 -7.83 18.41
C MET A 123 36.85 -8.27 19.52
N ILE A 124 37.35 -9.00 20.52
CA ILE A 124 36.55 -9.32 21.70
C ILE A 124 36.00 -8.06 22.34
N CYS A 125 36.84 -7.04 22.52
CA CYS A 125 36.37 -5.82 23.18
C CYS A 125 35.24 -5.18 22.39
N ILE A 126 35.45 -4.98 21.09
CA ILE A 126 34.42 -4.34 20.28
C ILE A 126 33.12 -5.13 20.31
N SER A 127 33.21 -6.44 20.08
CA SER A 127 32.01 -7.26 19.99
C SER A 127 31.27 -7.35 21.33
N LEU A 128 32.01 -7.38 22.43
CA LEU A 128 31.38 -7.40 23.75
C LEU A 128 30.59 -6.12 23.99
N VAL A 129 31.20 -4.98 23.71
CA VAL A 129 30.46 -3.73 23.89
C VAL A 129 29.23 -3.70 22.98
N ALA A 130 29.36 -4.25 21.78
CA ALA A 130 28.23 -4.29 20.85
C ALA A 130 27.08 -5.10 21.41
N SER A 131 27.36 -6.27 21.97
CA SER A 131 26.30 -7.08 22.56
C SER A 131 25.58 -6.35 23.70
N ILE A 132 26.36 -5.77 24.62
CA ILE A 132 25.74 -5.05 25.73
C ILE A 132 24.84 -3.93 25.22
N CYS A 133 25.35 -3.15 24.27
CA CYS A 133 24.59 -1.99 23.82
C CYS A 133 23.34 -2.39 23.04
N ASN A 134 23.40 -3.50 22.30
CA ASN A 134 22.19 -3.96 21.64
C ASN A 134 21.13 -4.36 22.64
N LEU A 135 21.54 -5.03 23.72
CA LEU A 135 20.57 -5.39 24.75
C LEU A 135 19.95 -4.15 25.36
N LEU A 136 20.75 -3.12 25.59
CA LEU A 136 20.19 -1.90 26.16
C LEU A 136 19.27 -1.21 25.18
N ALA A 137 19.55 -1.31 23.88
CA ALA A 137 18.65 -0.75 22.88
C ALA A 137 17.29 -1.42 22.94
N ILE A 138 17.27 -2.74 23.08
CA ILE A 138 16.01 -3.45 23.22
C ILE A 138 15.25 -2.98 24.46
N ALA A 139 15.94 -2.90 25.61
CA ALA A 139 15.24 -2.55 26.84
C ALA A 139 14.65 -1.15 26.77
N VAL A 140 15.42 -0.19 26.27
CA VAL A 140 14.93 1.19 26.23
C VAL A 140 13.80 1.33 25.23
N ASP A 141 13.90 0.65 24.09
CA ASP A 141 12.83 0.69 23.12
C ASP A 141 11.53 0.17 23.72
N ARG A 142 11.61 -0.93 24.46
CA ARG A 142 10.39 -1.47 25.08
C ARG A 142 9.80 -0.51 26.10
N TYR A 143 10.65 0.06 26.96
CA TYR A 143 10.14 1.02 27.92
C TYR A 143 9.43 2.17 27.24
N VAL A 144 9.99 2.67 26.15
CA VAL A 144 9.40 3.81 25.46
C VAL A 144 8.08 3.43 24.82
N THR A 145 7.98 2.20 24.29
CA THR A 145 6.70 1.76 23.75
C THR A 145 5.62 1.72 24.82
N ILE A 146 5.96 1.23 26.01
CA ILE A 146 4.95 1.08 27.05
C ILE A 146 4.52 2.43 27.60
N PHE A 147 5.48 3.25 28.00
CA PHE A 147 5.13 4.44 28.77
C PHE A 147 4.89 5.67 27.93
N TYR A 148 5.33 5.67 26.67
CA TYR A 148 5.13 6.77 25.76
C TYR A 148 4.36 6.26 24.56
N ALA A 149 3.27 5.56 24.84
CA ALA A 149 2.64 4.70 23.84
C ALA A 149 2.04 5.50 22.70
N LEU A 150 1.29 6.55 23.01
CA LEU A 150 0.63 7.27 21.93
C LEU A 150 1.53 8.29 21.26
N ARG A 151 2.72 8.54 21.79
CA ARG A 151 3.67 9.44 21.18
C ARG A 151 4.92 8.68 20.77
N TYR A 152 4.73 7.53 20.14
CA TYR A 152 5.83 6.68 19.69
C TYR A 152 5.80 6.46 18.20
N HIS A 153 4.62 6.28 17.61
CA HIS A 153 4.56 6.19 16.16
C HIS A 153 4.82 7.54 15.50
N SER A 154 4.82 8.60 16.29
CA SER A 154 5.20 9.92 15.82
C SER A 154 6.70 10.16 15.80
N ILE A 155 7.49 9.33 16.50
CA ILE A 155 8.85 9.68 16.85
C ILE A 155 9.85 8.57 16.52
N MET A 156 9.40 7.37 16.20
CA MET A 156 10.29 6.23 16.11
C MET A 156 10.21 5.58 14.74
N THR A 157 10.39 6.39 13.70
CA THR A 157 10.47 5.92 12.32
C THR A 157 11.56 4.87 12.13
N VAL A 158 11.53 4.18 10.98
CA VAL A 158 12.57 3.20 10.67
C VAL A 158 13.93 3.87 10.51
N ARG A 159 13.94 5.08 9.96
CA ARG A 159 15.19 5.78 9.72
C ARG A 159 15.94 6.03 11.02
N LYS A 160 15.23 6.45 12.06
CA LYS A 160 15.88 6.69 13.34
C LYS A 160 16.42 5.40 13.94
N ALA A 161 15.72 4.29 13.76
CA ALA A 161 16.21 3.01 14.26
C ALA A 161 17.52 2.62 13.58
N LEU A 162 17.58 2.77 12.26
CA LEU A 162 18.83 2.47 11.57
C LEU A 162 19.94 3.43 12.00
N THR A 163 19.60 4.71 12.16
CA THR A 163 20.56 5.68 12.66
C THR A 163 21.16 5.23 13.98
N LEU A 164 20.31 4.82 14.91
CA LEU A 164 20.79 4.40 16.22
C LEU A 164 21.63 3.15 16.12
N ILE A 165 21.23 2.17 15.31
CA ILE A 165 22.00 0.93 15.24
C ILE A 165 23.40 1.22 14.72
N VAL A 166 23.49 2.01 13.65
CA VAL A 166 24.79 2.35 13.09
C VAL A 166 25.62 3.13 14.08
N ALA A 167 25.00 4.08 14.78
CA ALA A 167 25.74 4.86 15.77
C ALA A 167 26.31 3.97 16.85
N ILE A 168 25.51 3.05 17.37
CA ILE A 168 25.99 2.14 18.40
C ILE A 168 27.17 1.36 17.89
N TRP A 169 27.08 0.84 16.67
CA TRP A 169 28.18 0.02 16.18
C TRP A 169 29.44 0.84 15.99
N VAL A 170 29.31 2.07 15.49
CA VAL A 170 30.49 2.91 15.30
C VAL A 170 31.14 3.22 16.64
N CYS A 171 30.35 3.55 17.65
CA CYS A 171 30.93 3.83 18.96
C CYS A 171 31.58 2.59 19.55
N CYS A 172 30.98 1.43 19.34
CA CYS A 172 31.61 0.21 19.81
C CYS A 172 32.92 -0.07 19.08
N GLY A 173 33.02 0.32 17.82
CA GLY A 173 34.27 0.21 17.08
C GLY A 173 35.34 1.14 17.62
N VAL A 174 34.97 2.39 17.90
CA VAL A 174 35.97 3.32 18.42
C VAL A 174 36.39 2.93 19.82
N CYS A 175 35.50 2.34 20.60
CA CYS A 175 35.85 1.90 21.94
C CYS A 175 36.62 0.60 21.94
N GLY A 176 36.94 0.07 20.76
CA GLY A 176 37.84 -1.07 20.65
C GLY A 176 39.11 -0.67 19.94
N VAL A 177 39.04 0.42 19.18
CA VAL A 177 40.26 1.07 18.73
C VAL A 177 40.99 1.67 19.92
N VAL A 178 40.25 2.27 20.86
CA VAL A 178 40.85 2.77 22.08
C VAL A 178 41.44 1.62 22.87
N PHE A 179 41.00 0.39 22.59
CA PHE A 179 41.53 -0.75 23.33
C PHE A 179 43.04 -0.88 23.15
N ILE A 180 43.54 -0.52 21.97
CA ILE A 180 44.96 -0.63 21.68
C ILE A 180 45.64 0.74 21.60
N VAL A 181 44.96 1.77 21.10
CA VAL A 181 45.62 3.08 20.97
C VAL A 181 45.97 3.62 22.35
N TYR A 182 44.99 3.86 23.19
CA TYR A 182 45.30 4.25 24.56
C TYR A 182 45.54 2.95 25.26
N SER A 183 45.48 1.87 24.50
CA SER A 183 45.84 0.58 25.06
C SER A 183 45.05 0.33 26.35
N GLU A 184 45.68 -0.36 27.29
CA GLU A 184 45.02 -0.66 28.55
C GLU A 184 45.85 -0.08 29.65
N SER A 185 45.32 0.94 30.34
CA SER A 185 46.12 1.61 31.35
C SER A 185 45.42 1.76 32.70
N LYS A 186 44.79 0.69 33.18
CA LYS A 186 44.17 0.73 34.49
C LYS A 186 43.12 1.84 34.55
N MET A 187 42.95 2.56 33.44
CA MET A 187 41.89 3.54 33.24
C MET A 187 40.81 3.01 32.33
N VAL A 188 41.18 2.52 31.14
CA VAL A 188 40.22 1.87 30.27
C VAL A 188 39.58 0.72 31.01
N ILE A 189 40.23 0.21 32.05
CA ILE A 189 39.59 -0.74 32.93
C ILE A 189 38.48 -0.09 33.73
N VAL A 190 38.70 1.14 34.20
CA VAL A 190 37.69 1.82 34.99
C VAL A 190 36.45 2.11 34.16
N CYS A 191 36.64 2.66 32.97
CA CYS A 191 35.51 3.03 32.14
C CYS A 191 34.70 1.79 31.76
N LEU A 192 35.37 0.72 31.38
CA LEU A 192 34.64 -0.49 30.99
C LEU A 192 33.88 -1.08 32.18
N ILE A 193 34.52 -1.15 33.35
CA ILE A 193 33.84 -1.66 34.54
C ILE A 193 32.59 -0.83 34.84
N THR A 194 32.75 0.49 34.86
CA THR A 194 31.63 1.34 35.25
C THR A 194 30.52 1.32 34.20
N MET A 195 30.87 1.22 32.92
CA MET A 195 29.84 1.15 31.90
C MET A 195 29.03 -0.14 32.00
N PHE A 196 29.70 -1.27 32.25
CA PHE A 196 28.96 -2.49 32.54
C PHE A 196 28.08 -2.37 33.77
N PHE A 197 28.63 -1.90 34.87
CA PHE A 197 27.84 -1.85 36.08
C PHE A 197 26.96 -0.62 36.15
N ALA A 198 26.79 0.09 35.04
CA ALA A 198 25.69 1.03 34.87
C ALA A 198 24.62 0.50 33.92
N MET A 199 25.01 -0.17 32.86
CA MET A 199 24.06 -0.83 31.99
C MET A 199 23.63 -2.18 32.53
N MET A 200 23.96 -2.49 33.77
CA MET A 200 23.19 -3.51 34.46
C MET A 200 22.07 -2.89 35.29
N LEU A 201 22.37 -1.78 35.97
CA LEU A 201 21.32 -1.09 36.73
C LEU A 201 20.22 -0.57 35.82
N LEU A 202 20.55 -0.04 34.65
CA LEU A 202 19.50 0.48 33.79
C LEU A 202 18.60 -0.63 33.27
N MET A 203 19.19 -1.77 32.92
CA MET A 203 18.40 -2.88 32.40
C MET A 203 17.72 -3.66 33.50
N GLY A 204 18.06 -3.40 34.76
CA GLY A 204 17.21 -3.87 35.83
C GLY A 204 16.08 -2.90 36.13
N THR A 205 16.37 -1.61 36.12
CA THR A 205 15.37 -0.60 36.42
C THR A 205 14.24 -0.63 35.41
N LEU A 206 14.58 -0.67 34.12
CA LEU A 206 13.55 -0.60 33.10
C LEU A 206 12.59 -1.77 33.21
N TYR A 207 13.14 -2.96 33.45
CA TYR A 207 12.28 -4.13 33.49
C TYR A 207 11.51 -4.24 34.80
N VAL A 208 12.09 -3.83 35.92
CA VAL A 208 11.32 -3.79 37.16
C VAL A 208 10.17 -2.80 37.05
N HIS A 209 10.44 -1.61 36.50
CA HIS A 209 9.38 -0.64 36.35
C HIS A 209 8.29 -1.14 35.42
N MET A 210 8.66 -1.79 34.32
CA MET A 210 7.67 -2.31 33.41
C MET A 210 6.84 -3.41 34.06
N PHE A 211 7.47 -4.25 34.89
CA PHE A 211 6.74 -5.28 35.59
C PHE A 211 5.76 -4.70 36.59
N LEU A 212 6.17 -3.66 37.32
CA LEU A 212 5.26 -3.04 38.27
C LEU A 212 4.05 -2.40 37.56
N PHE A 213 4.28 -1.78 36.41
CA PHE A 213 3.17 -1.24 35.64
C PHE A 213 2.24 -2.36 35.17
N ALA A 214 2.81 -3.46 34.69
CA ALA A 214 1.98 -4.60 34.29
C ALA A 214 1.21 -5.15 35.48
N ARG A 215 1.78 -5.02 36.67
CA ARG A 215 1.07 -5.43 37.88
C ARG A 215 -0.18 -4.59 38.07
N LEU A 216 -0.05 -3.27 37.99
CA LEU A 216 -1.24 -2.43 38.08
C LEU A 216 -2.29 -2.83 37.05
N HIS A 217 -1.86 -3.08 35.82
CA HIS A 217 -2.83 -3.44 34.80
C HIS A 217 -3.53 -4.75 35.13
N VAL A 218 -2.80 -5.74 35.64
CA VAL A 218 -3.43 -7.03 35.94
C VAL A 218 -4.37 -6.90 37.14
N LYS A 219 -4.03 -6.00 38.07
CA LYS A 219 -4.92 -5.74 39.20
C LYS A 219 -6.23 -5.13 38.73
N ARG A 220 -6.17 -4.23 37.77
CA ARG A 220 -7.40 -3.63 37.27
C ARG A 220 -8.19 -4.55 36.37
N ILE A 221 -7.53 -5.37 35.56
CA ILE A 221 -8.24 -6.29 34.68
C ILE A 221 -9.05 -7.29 35.50
N ALA A 222 -8.52 -7.68 36.65
CA ALA A 222 -9.21 -8.67 37.50
C ALA A 222 -10.27 -8.08 38.37
N ALA A 223 -10.13 -6.82 38.71
CA ALA A 223 -11.09 -6.17 39.59
C ALA A 223 -12.33 -5.74 38.84
N LEU A 224 -12.97 -6.69 38.17
CA LEU A 224 -14.22 -6.37 37.47
C LEU A 224 -15.06 -7.62 37.29
N PRO A 225 -16.38 -7.45 37.19
CA PRO A 225 -17.27 -8.59 37.04
C PRO A 225 -16.66 -9.66 36.15
N PRO A 226 -16.46 -10.86 36.70
CA PRO A 226 -15.86 -11.95 35.92
C PRO A 226 -16.59 -12.17 34.61
N SER A 236 -2.54 -11.87 40.27
CA SER A 236 -1.43 -12.76 39.94
C SER A 236 -0.41 -12.08 39.04
N CYS A 237 0.86 -12.15 39.43
CA CYS A 237 1.94 -11.51 38.70
C CYS A 237 2.97 -12.51 38.19
N MET A 238 2.57 -13.77 38.04
CA MET A 238 3.53 -14.84 37.80
C MET A 238 4.24 -14.67 36.46
N LYS A 239 3.51 -14.36 35.41
CA LYS A 239 4.13 -14.30 34.09
C LYS A 239 5.12 -13.16 34.01
N GLY A 240 4.76 -12.02 34.57
CA GLY A 240 5.69 -10.91 34.61
C GLY A 240 6.92 -11.22 35.43
N ALA A 241 6.72 -11.87 36.58
CA ALA A 241 7.87 -12.20 37.42
C ALA A 241 8.82 -13.13 36.69
N VAL A 242 8.29 -14.12 35.98
CA VAL A 242 9.17 -15.07 35.32
C VAL A 242 9.90 -14.40 34.16
N THR A 243 9.21 -13.53 33.41
CA THR A 243 9.87 -12.84 32.30
C THR A 243 11.00 -11.97 32.80
N ILE A 244 10.74 -11.14 33.81
CA ILE A 244 11.80 -10.27 34.29
C ILE A 244 12.94 -11.08 34.90
N THR A 245 12.62 -12.13 35.65
CA THR A 245 13.67 -12.92 36.30
C THR A 245 14.57 -13.57 35.28
N ILE A 246 14.00 -14.18 34.24
CA ILE A 246 14.84 -14.77 33.22
C ILE A 246 15.68 -13.69 32.53
N LEU A 247 15.04 -12.61 32.09
CA LEU A 247 15.72 -11.65 31.23
C LEU A 247 16.78 -10.87 31.99
N LEU A 248 16.74 -10.86 33.31
CA LEU A 248 17.78 -10.20 34.07
C LEU A 248 18.81 -11.16 34.64
N GLY A 249 18.39 -12.34 35.09
CA GLY A 249 19.33 -13.31 35.58
C GLY A 249 20.25 -13.86 34.53
N VAL A 250 19.78 -13.92 33.27
CA VAL A 250 20.70 -14.33 32.22
C VAL A 250 21.83 -13.32 32.09
N PHE A 251 21.47 -12.03 32.06
CA PHE A 251 22.47 -10.97 32.07
C PHE A 251 23.45 -11.16 33.21
N ILE A 252 22.95 -11.34 34.43
CA ILE A 252 23.84 -11.40 35.58
C ILE A 252 24.69 -12.66 35.55
N PHE A 253 24.06 -13.82 35.66
CA PHE A 253 24.88 -15.03 35.72
C PHE A 253 25.64 -15.30 34.44
N CYS A 254 25.53 -14.47 33.40
CA CYS A 254 26.34 -14.70 32.23
C CYS A 254 27.30 -13.58 31.91
N TRP A 255 27.27 -12.48 32.63
CA TRP A 255 28.27 -11.45 32.43
C TRP A 255 28.94 -11.02 33.72
N ALA A 256 28.20 -11.01 34.83
CA ALA A 256 28.76 -10.55 36.09
C ALA A 256 30.01 -11.31 36.50
N PRO A 257 30.13 -12.62 36.30
CA PRO A 257 31.41 -13.27 36.63
C PRO A 257 32.58 -12.66 35.90
N PHE A 258 32.43 -12.35 34.61
CA PHE A 258 33.56 -11.84 33.86
C PHE A 258 33.94 -10.46 34.34
N PHE A 259 32.96 -9.61 34.60
CA PHE A 259 33.37 -8.29 35.02
C PHE A 259 33.82 -8.28 36.47
N LEU A 260 33.40 -9.26 37.28
CA LEU A 260 33.99 -9.37 38.62
C LEU A 260 35.42 -9.86 38.54
N HIS A 261 35.69 -10.81 37.65
CA HIS A 261 37.05 -11.10 37.20
C HIS A 261 37.85 -9.83 36.97
N LEU A 262 37.37 -9.00 36.06
CA LEU A 262 38.19 -7.88 35.65
C LEU A 262 38.31 -6.86 36.78
N VAL A 263 37.25 -6.71 37.56
CA VAL A 263 37.29 -5.81 38.71
C VAL A 263 38.35 -6.26 39.71
N LEU A 264 38.41 -7.55 39.98
CA LEU A 264 39.38 -8.02 40.97
C LEU A 264 40.80 -8.01 40.42
N ILE A 265 40.99 -8.37 39.16
CA ILE A 265 42.35 -8.43 38.64
C ILE A 265 42.90 -7.05 38.34
N ILE A 266 42.03 -6.02 38.40
CA ILE A 266 42.56 -4.68 38.54
C ILE A 266 42.20 -4.08 39.89
N THR A 267 41.83 -4.92 40.86
CA THR A 267 41.73 -4.50 42.24
C THR A 267 42.66 -5.29 43.16
N CYS A 268 42.56 -6.62 43.13
CA CYS A 268 43.30 -7.48 44.04
C CYS A 268 44.05 -8.54 43.22
N PRO A 269 45.14 -8.15 42.56
CA PRO A 269 45.91 -9.11 41.78
C PRO A 269 46.99 -9.84 42.57
N THR A 270 46.95 -9.79 43.90
CA THR A 270 48.00 -10.40 44.72
C THR A 270 47.43 -11.39 45.71
N ASN A 271 46.28 -11.08 46.29
CA ASN A 271 45.70 -11.90 47.34
C ASN A 271 45.50 -13.31 46.83
N PRO A 272 46.04 -14.34 47.50
CA PRO A 272 45.92 -15.70 46.97
C PRO A 272 44.50 -16.14 46.71
N TYR A 273 43.56 -15.71 47.56
CA TYR A 273 42.15 -16.01 47.28
C TYR A 273 41.73 -15.41 45.95
N CYS A 274 42.16 -14.17 45.68
CA CYS A 274 41.79 -13.50 44.44
C CYS A 274 42.35 -14.24 43.24
N ILE A 275 43.57 -14.76 43.34
CA ILE A 275 44.17 -15.50 42.24
C ILE A 275 43.44 -16.82 42.02
N CYS A 276 43.18 -17.54 43.11
CA CYS A 276 42.41 -18.77 42.99
C CYS A 276 41.07 -18.50 42.34
N TYR A 277 40.50 -17.33 42.60
CA TYR A 277 39.33 -16.88 41.86
C TYR A 277 39.63 -16.75 40.38
N THR A 278 40.54 -15.84 40.03
CA THR A 278 40.75 -15.45 38.64
C THR A 278 41.24 -16.60 37.77
N ALA A 279 41.52 -17.75 38.36
CA ALA A 279 42.03 -18.87 37.57
C ALA A 279 41.04 -19.39 36.53
N HIS A 280 39.75 -19.06 36.62
CA HIS A 280 38.74 -19.72 35.80
C HIS A 280 38.25 -18.87 34.63
N PHE A 281 39.17 -18.15 34.01
CA PHE A 281 38.80 -17.28 32.90
C PHE A 281 38.22 -18.09 31.75
N ASN A 282 38.64 -19.33 31.61
CA ASN A 282 38.10 -20.19 30.56
C ASN A 282 36.61 -20.43 30.78
N THR A 283 36.23 -20.79 32.01
CA THR A 283 34.82 -20.95 32.29
C THR A 283 34.07 -19.64 32.17
N TYR A 284 34.77 -18.52 32.37
CA TYR A 284 34.08 -17.24 32.21
C TYR A 284 33.71 -16.97 30.76
N LEU A 285 34.61 -17.26 29.82
CA LEU A 285 34.19 -17.13 28.44
C LEU A 285 33.19 -18.22 28.06
N VAL A 286 33.23 -19.37 28.72
CA VAL A 286 32.16 -20.33 28.55
C VAL A 286 30.82 -19.66 28.84
N LEU A 287 30.77 -18.90 29.93
CA LEU A 287 29.54 -18.20 30.30
C LEU A 287 29.14 -17.18 29.24
N ILE A 288 30.11 -16.44 28.71
CA ILE A 288 29.75 -15.46 27.68
C ILE A 288 29.13 -16.14 26.47
N MET A 289 29.73 -17.22 25.99
CA MET A 289 29.11 -17.88 24.85
C MET A 289 27.75 -18.45 25.21
N CYS A 290 27.56 -18.89 26.45
CA CYS A 290 26.22 -19.36 26.83
C CYS A 290 25.21 -18.22 26.74
N ASN A 291 25.64 -17.00 27.11
CA ASN A 291 24.78 -15.84 26.93
C ASN A 291 24.44 -15.64 25.46
N SER A 292 25.43 -15.76 24.58
CA SER A 292 25.16 -15.55 23.17
C SER A 292 24.27 -16.63 22.58
N VAL A 293 24.29 -17.83 23.14
CA VAL A 293 23.35 -18.87 22.74
C VAL A 293 21.95 -18.55 23.22
N ILE A 294 21.82 -18.10 24.47
CA ILE A 294 20.49 -17.89 25.05
C ILE A 294 19.81 -16.67 24.44
N ASP A 295 20.58 -15.62 24.13
CA ASP A 295 19.99 -14.35 23.71
C ASP A 295 18.99 -14.46 22.57
N PRO A 296 19.24 -15.19 21.49
CA PRO A 296 18.25 -15.23 20.42
C PRO A 296 17.06 -16.09 20.79
N LEU A 297 17.03 -16.59 22.02
CA LEU A 297 15.96 -17.45 22.46
C LEU A 297 14.97 -16.77 23.39
N ILE A 298 15.40 -15.77 24.17
CA ILE A 298 14.51 -15.02 25.04
C ILE A 298 14.30 -13.59 24.59
N TYR A 299 14.72 -13.23 23.39
CA TYR A 299 14.50 -11.88 22.89
C TYR A 299 13.77 -11.89 21.55
N ALA A 300 14.06 -12.87 20.70
CA ALA A 300 13.46 -12.94 19.39
C ALA A 300 12.60 -14.17 19.15
N PHE A 301 12.92 -15.30 19.77
CA PHE A 301 12.08 -16.48 19.66
C PHE A 301 10.86 -16.40 20.56
N ARG A 302 10.81 -15.43 21.47
CA ARG A 302 9.61 -15.17 22.25
C ARG A 302 8.78 -14.08 21.58
N SER A 303 8.52 -14.27 20.30
CA SER A 303 7.73 -13.34 19.50
C SER A 303 6.94 -14.17 18.51
N LEU A 304 5.62 -14.09 18.59
CA LEU A 304 4.77 -15.07 17.91
C LEU A 304 5.00 -15.05 16.40
N GLU A 305 5.08 -13.85 15.82
CA GLU A 305 5.20 -13.76 14.36
C GLU A 305 6.56 -14.23 13.89
N LEU A 306 7.62 -13.89 14.60
CA LEU A 306 8.95 -14.35 14.20
C LEU A 306 9.10 -15.83 14.51
N ARG A 307 8.38 -16.32 15.52
CA ARG A 307 8.38 -17.76 15.79
C ARG A 307 7.65 -18.53 14.71
N ASN A 308 6.63 -17.94 14.09
CA ASN A 308 5.94 -18.60 12.99
C ASN A 308 6.64 -18.43 11.66
N THR A 309 7.45 -17.39 11.50
CA THR A 309 8.19 -17.19 10.26
C THR A 309 9.06 -18.40 9.93
N PHE A 310 10.03 -18.70 10.80
CA PHE A 310 10.88 -19.84 10.56
C PHE A 310 10.14 -21.16 10.77
N LEU B 5 17.94 5.86 -19.19
CA LEU B 5 19.21 6.45 -19.58
C LEU B 5 18.98 7.73 -20.36
N SER B 6 17.88 7.79 -21.11
CA SER B 6 17.56 8.97 -21.89
C SER B 6 17.06 10.09 -20.99
N ALA B 7 16.96 11.29 -21.56
CA ALA B 7 16.60 12.46 -20.77
C ALA B 7 15.17 12.39 -20.28
N GLU B 8 14.25 12.00 -21.17
CA GLU B 8 12.86 11.90 -20.77
C GLU B 8 12.66 10.84 -19.69
N ASP B 9 13.38 9.72 -19.80
CA ASP B 9 13.32 8.71 -18.75
C ASP B 9 13.85 9.25 -17.43
N LYS B 10 14.92 10.04 -17.47
CA LYS B 10 15.45 10.62 -16.25
C LYS B 10 14.44 11.55 -15.60
N ALA B 11 13.76 12.35 -16.41
CA ALA B 11 12.80 13.29 -15.86
C ALA B 11 11.58 12.56 -15.29
N ALA B 12 11.16 11.48 -15.93
CA ALA B 12 10.10 10.66 -15.35
C ALA B 12 10.53 10.07 -14.01
N VAL B 13 11.77 9.63 -13.90
CA VAL B 13 12.27 9.10 -12.63
C VAL B 13 12.24 10.18 -11.56
N GLU B 14 12.61 11.41 -11.93
CA GLU B 14 12.59 12.49 -10.96
C GLU B 14 11.18 12.82 -10.51
N ARG B 15 10.22 12.78 -11.43
CA ARG B 15 8.82 12.98 -11.06
C ARG B 15 8.35 11.91 -10.10
N SER B 16 8.73 10.66 -10.36
CA SER B 16 8.37 9.56 -9.45
C SER B 16 9.00 9.77 -8.08
N LYS B 17 10.21 10.31 -8.03
CA LYS B 17 10.85 10.60 -6.74
C LYS B 17 10.07 11.64 -5.97
N MET B 18 9.60 12.69 -6.65
CA MET B 18 8.80 13.69 -5.95
C MET B 18 7.50 13.09 -5.41
N ILE B 19 6.86 12.23 -6.20
CA ILE B 19 5.64 11.57 -5.71
C ILE B 19 5.94 10.71 -4.49
N GLU B 20 7.02 9.93 -4.55
CA GLU B 20 7.36 9.06 -3.43
C GLU B 20 7.70 9.87 -2.20
N LYS B 21 8.31 11.04 -2.38
CA LYS B 21 8.62 11.90 -1.26
C LYS B 21 7.35 12.39 -0.59
N GLN B 22 6.35 12.77 -1.38
CA GLN B 22 5.08 13.19 -0.77
C GLN B 22 4.40 12.04 -0.05
N LEU B 23 4.49 10.83 -0.59
CA LEU B 23 3.91 9.68 0.11
C LEU B 23 4.65 9.39 1.42
N GLN B 24 5.97 9.54 1.44
CA GLN B 24 6.70 9.35 2.69
C GLN B 24 6.34 10.42 3.70
N LYS B 25 6.03 11.62 3.23
CA LYS B 25 5.51 12.65 4.11
C LYS B 25 4.17 12.24 4.69
N ASP B 26 3.32 11.60 3.88
CA ASP B 26 2.00 11.19 4.34
C ASP B 26 2.03 9.93 5.20
N LYS B 27 3.10 9.14 5.18
CA LYS B 27 3.20 8.09 6.20
C LYS B 27 3.12 8.68 7.59
N GLN B 28 3.94 9.69 7.86
CA GLN B 28 4.05 10.22 9.21
C GLN B 28 2.76 10.82 9.71
N VAL B 29 1.83 11.14 8.83
CA VAL B 29 0.51 11.55 9.26
C VAL B 29 -0.42 10.34 9.36
N TYR B 30 -0.26 9.36 8.48
CA TYR B 30 -1.09 8.16 8.57
C TYR B 30 -0.82 7.41 9.86
N ARG B 31 0.37 6.84 10.00
CA ARG B 31 0.81 6.43 11.32
C ARG B 31 0.90 7.68 12.19
N ALA B 32 0.62 7.51 13.48
CA ALA B 32 0.40 8.64 14.38
C ALA B 32 -0.92 9.34 14.06
N THR B 33 -1.94 8.56 13.72
CA THR B 33 -3.32 9.03 13.67
C THR B 33 -4.19 7.82 13.95
N HIS B 34 -4.67 7.72 15.18
CA HIS B 34 -5.39 6.53 15.65
C HIS B 34 -6.83 6.59 15.16
N ARG B 35 -7.20 5.70 14.26
CA ARG B 35 -8.57 5.59 13.83
C ARG B 35 -9.43 4.92 14.88
N LEU B 36 -10.65 5.38 15.01
CA LEU B 36 -11.67 4.75 15.82
C LEU B 36 -12.82 4.35 14.91
N LEU B 37 -13.91 3.91 15.52
CA LEU B 37 -15.08 3.51 14.75
C LEU B 37 -16.30 3.60 15.65
N LEU B 38 -17.23 4.47 15.29
CA LEU B 38 -18.42 4.75 16.08
C LEU B 38 -19.59 3.94 15.56
N LEU B 39 -20.08 3.01 16.38
CA LEU B 39 -21.26 2.22 16.07
C LEU B 39 -22.25 2.38 17.19
N GLY B 40 -23.50 2.63 16.86
CA GLY B 40 -24.50 2.89 17.88
C GLY B 40 -25.86 3.05 17.25
N ALA B 41 -26.88 2.85 18.08
CA ALA B 41 -28.25 2.82 17.58
C ALA B 41 -28.66 4.21 17.07
N ASP B 42 -29.85 4.26 16.46
CA ASP B 42 -30.32 5.51 15.88
C ASP B 42 -30.62 6.56 16.94
N ASN B 43 -31.10 6.14 18.12
CA ASN B 43 -31.41 7.05 19.21
C ASN B 43 -30.26 7.24 20.18
N SER B 44 -29.08 6.67 19.87
CA SER B 44 -27.99 6.67 20.83
C SER B 44 -27.48 8.08 21.10
N GLY B 45 -27.00 8.76 20.08
CA GLY B 45 -26.41 10.06 20.28
C GLY B 45 -24.97 10.07 19.84
N LYS B 46 -24.67 9.25 18.84
CA LYS B 46 -23.33 9.16 18.28
C LYS B 46 -22.80 10.53 17.87
N SER B 47 -23.50 11.19 16.95
CA SER B 47 -23.04 12.48 16.45
C SER B 47 -23.00 13.53 17.56
N THR B 48 -23.79 13.35 18.61
CA THR B 48 -23.71 14.29 19.73
C THR B 48 -22.32 14.28 20.34
N ILE B 49 -21.82 13.09 20.70
CA ILE B 49 -20.48 12.99 21.23
C ILE B 49 -19.46 13.44 20.20
N VAL B 50 -19.71 13.12 18.92
CA VAL B 50 -18.78 13.50 17.85
C VAL B 50 -18.60 15.01 17.81
N LYS B 51 -19.71 15.74 17.72
CA LYS B 51 -19.65 17.19 17.71
C LYS B 51 -19.06 17.71 19.01
N GLN B 52 -19.35 17.04 20.13
CA GLN B 52 -18.83 17.48 21.41
C GLN B 52 -17.32 17.51 21.41
N MET B 53 -16.67 16.40 21.04
CA MET B 53 -15.20 16.47 21.14
C MET B 53 -14.60 17.16 19.92
N ARG B 54 -15.36 17.31 18.83
CA ARG B 54 -14.81 18.07 17.71
C ARG B 54 -14.81 19.57 17.98
N ILE B 55 -15.77 20.05 18.76
CA ILE B 55 -15.87 21.48 19.04
C ILE B 55 -15.10 21.85 20.30
N THR B 181 -28.24 10.21 1.38
CA THR B 181 -27.61 9.14 0.61
C THR B 181 -26.12 9.08 0.92
N SER B 182 -25.67 9.94 1.83
CA SER B 182 -24.26 9.97 2.19
C SER B 182 -23.91 8.78 3.08
N GLY B 183 -22.66 8.34 2.99
CA GLY B 183 -22.22 7.18 3.73
C GLY B 183 -21.43 7.49 4.98
N ILE B 184 -20.11 7.31 4.93
CA ILE B 184 -19.27 7.54 6.09
C ILE B 184 -19.33 9.00 6.50
N PHE B 185 -19.39 9.25 7.80
CA PHE B 185 -19.40 10.59 8.37
C PHE B 185 -18.14 10.73 9.20
N GLU B 186 -17.03 11.04 8.55
CA GLU B 186 -15.76 11.14 9.23
C GLU B 186 -15.69 12.40 10.08
N THR B 187 -14.96 12.30 11.19
CA THR B 187 -14.72 13.42 12.09
C THR B 187 -13.32 13.31 12.67
N LYS B 188 -12.79 14.44 13.15
CA LYS B 188 -11.45 14.49 13.67
C LYS B 188 -11.41 15.26 14.98
N PHE B 189 -10.42 14.95 15.80
CA PHE B 189 -10.17 15.65 17.05
C PHE B 189 -8.83 15.20 17.57
N GLN B 190 -8.01 16.13 18.04
CA GLN B 190 -6.74 15.81 18.64
C GLN B 190 -6.73 16.29 20.08
N VAL B 191 -6.18 15.46 20.96
CA VAL B 191 -6.12 15.74 22.40
C VAL B 191 -4.68 15.55 22.85
N ASP B 192 -4.11 16.59 23.44
CA ASP B 192 -2.73 16.55 23.92
C ASP B 192 -1.76 16.08 22.84
N LYS B 193 -1.95 16.60 21.63
CA LYS B 193 -1.04 16.37 20.51
C LYS B 193 -1.02 14.90 20.08
N VAL B 194 -2.18 14.26 20.08
CA VAL B 194 -2.36 12.90 19.59
C VAL B 194 -3.57 12.89 18.67
N ASN B 195 -3.37 12.51 17.42
CA ASN B 195 -4.42 12.63 16.42
C ASN B 195 -5.39 11.46 16.49
N PHE B 196 -6.68 11.78 16.43
CA PHE B 196 -7.74 10.78 16.38
C PHE B 196 -8.60 11.05 15.17
N HIS B 197 -8.97 10.00 14.46
CA HIS B 197 -9.65 10.15 13.19
C HIS B 197 -10.86 9.22 13.26
N MET B 198 -11.94 9.72 13.83
CA MET B 198 -13.11 8.94 14.21
C MET B 198 -14.11 8.90 13.07
N PHE B 199 -14.79 7.77 12.93
CA PHE B 199 -15.67 7.52 11.79
C PHE B 199 -17.10 7.34 12.26
N ASP B 200 -17.99 7.16 11.29
CA ASP B 200 -19.39 6.88 11.56
C ASP B 200 -20.03 6.41 10.26
N VAL B 201 -20.62 5.22 10.28
CA VAL B 201 -21.22 4.65 9.08
C VAL B 201 -22.72 4.94 9.10
N GLY B 202 -23.19 5.64 8.06
CA GLY B 202 -24.54 6.14 8.02
C GLY B 202 -25.49 5.34 7.15
N ALA B 203 -25.73 5.84 5.93
CA ALA B 203 -26.72 5.23 5.03
C ALA B 203 -26.13 3.95 4.44
N GLN B 204 -26.10 2.92 5.29
CA GLN B 204 -25.70 1.59 4.89
C GLN B 204 -26.81 0.62 5.28
N ARG B 205 -26.87 -0.50 4.56
CA ARG B 205 -27.96 -1.45 4.76
C ARG B 205 -27.91 -2.04 6.16
N ASP B 206 -28.93 -2.85 6.47
CA ASP B 206 -29.07 -3.39 7.83
C ASP B 206 -27.90 -4.27 8.21
N GLU B 207 -27.43 -5.11 7.29
CA GLU B 207 -26.34 -6.02 7.61
C GLU B 207 -25.02 -5.28 7.68
N ARG B 208 -24.19 -5.66 8.64
CA ARG B 208 -22.88 -5.06 8.87
C ARG B 208 -21.76 -5.95 8.36
N ARG B 209 -22.08 -6.92 7.50
CA ARG B 209 -21.20 -8.05 7.31
C ARG B 209 -19.93 -7.65 6.58
N LYS B 210 -20.07 -7.17 5.34
CA LYS B 210 -18.90 -7.06 4.48
C LYS B 210 -18.02 -5.86 4.82
N TRP B 211 -18.62 -4.72 5.17
CA TRP B 211 -17.81 -3.53 5.30
C TRP B 211 -17.17 -3.37 6.67
N ILE B 212 -17.48 -4.26 7.62
CA ILE B 212 -16.79 -4.21 8.90
C ILE B 212 -15.38 -4.71 8.74
N GLN B 213 -15.10 -5.45 7.66
CA GLN B 213 -13.74 -5.91 7.42
C GLN B 213 -12.79 -4.75 7.18
N CYS B 214 -13.31 -3.65 6.62
CA CYS B 214 -12.47 -2.49 6.40
C CYS B 214 -11.91 -1.96 7.71
N PHE B 215 -12.74 -1.93 8.73
CA PHE B 215 -12.39 -1.30 9.99
C PHE B 215 -11.62 -2.21 10.90
N ASN B 216 -11.07 -3.29 10.37
CA ASN B 216 -9.98 -3.97 11.05
C ASN B 216 -8.79 -3.03 11.12
N ASP B 217 -7.89 -3.30 12.06
CA ASP B 217 -6.71 -2.48 12.26
C ASP B 217 -7.10 -1.04 12.61
N VAL B 218 -8.04 -0.89 13.52
CA VAL B 218 -8.31 0.39 14.16
C VAL B 218 -8.04 0.22 15.65
N THR B 219 -7.90 1.35 16.32
CA THR B 219 -7.49 1.32 17.72
C THR B 219 -8.65 0.93 18.65
N ALA B 220 -9.87 1.31 18.29
CA ALA B 220 -11.01 0.98 19.14
C ALA B 220 -12.30 1.09 18.33
N ILE B 221 -13.35 0.48 18.87
CA ILE B 221 -14.72 0.69 18.41
C ILE B 221 -15.47 1.36 19.53
N ILE B 222 -16.06 2.51 19.26
CA ILE B 222 -16.85 3.23 20.24
C ILE B 222 -18.31 2.83 20.07
N PHE B 223 -18.94 2.40 21.16
CA PHE B 223 -20.31 1.91 21.15
C PHE B 223 -21.14 2.80 22.06
N VAL B 224 -22.24 3.33 21.53
CA VAL B 224 -23.12 4.22 22.28
C VAL B 224 -24.50 3.60 22.34
N VAL B 225 -25.05 3.51 23.55
CA VAL B 225 -26.38 2.99 23.75
C VAL B 225 -27.30 4.10 24.22
N ASP B 226 -28.60 3.89 24.06
CA ASP B 226 -29.61 4.78 24.64
C ASP B 226 -29.99 4.13 25.96
N SER B 227 -29.37 4.62 27.03
CA SER B 227 -29.54 4.01 28.35
C SER B 227 -30.96 4.19 28.87
N SER B 228 -31.56 5.35 28.61
CA SER B 228 -32.87 5.65 29.19
C SER B 228 -33.96 4.73 28.64
N ASP B 229 -33.96 4.49 27.34
CA ASP B 229 -35.08 3.76 26.73
C ASP B 229 -35.03 2.29 27.10
N TYR B 230 -35.74 1.93 28.19
CA TYR B 230 -35.63 0.60 28.76
C TYR B 230 -35.84 -0.49 27.73
N ASN B 231 -36.77 -0.28 26.81
CA ASN B 231 -37.20 -1.37 25.95
C ASN B 231 -36.15 -1.74 24.90
N ARG B 232 -35.36 -0.78 24.45
CA ARG B 232 -34.42 -1.08 23.38
C ARG B 232 -33.08 -1.59 23.88
N LEU B 233 -32.91 -1.72 25.20
CA LEU B 233 -31.65 -2.24 25.70
C LEU B 233 -31.34 -3.61 25.13
N GLN B 234 -32.35 -4.45 24.93
CA GLN B 234 -32.06 -5.77 24.41
C GLN B 234 -31.51 -5.71 23.00
N GLU B 235 -32.07 -4.84 22.16
CA GLU B 235 -31.51 -4.66 20.83
C GLU B 235 -30.09 -4.13 20.91
N ALA B 236 -29.84 -3.22 21.86
CA ALA B 236 -28.49 -2.72 22.06
C ALA B 236 -27.53 -3.85 22.44
N LEU B 237 -27.94 -4.72 23.36
CA LEU B 237 -27.07 -5.82 23.76
C LEU B 237 -26.86 -6.82 22.63
N ASN B 238 -27.87 -7.05 21.82
CA ASN B 238 -27.66 -7.94 20.68
C ASN B 238 -26.62 -7.35 19.74
N ASP B 239 -26.70 -6.03 19.49
CA ASP B 239 -25.69 -5.40 18.65
C ASP B 239 -24.32 -5.49 19.29
N PHE B 240 -24.25 -5.30 20.61
CA PHE B 240 -22.97 -5.40 21.31
C PHE B 240 -22.35 -6.77 21.14
N LYS B 241 -23.16 -7.81 21.32
CA LYS B 241 -22.65 -9.16 21.18
C LYS B 241 -22.22 -9.43 19.75
N SER B 242 -22.93 -8.84 18.78
CA SER B 242 -22.53 -9.02 17.39
C SER B 242 -21.18 -8.39 17.12
N ILE B 243 -20.95 -7.19 17.66
CA ILE B 243 -19.68 -6.51 17.44
C ILE B 243 -18.55 -7.22 18.17
N TRP B 244 -18.85 -7.78 19.35
CA TRP B 244 -17.81 -8.31 20.23
C TRP B 244 -17.22 -9.62 19.74
N ASN B 245 -18.00 -10.42 19.02
CA ASN B 245 -17.59 -11.77 18.65
C ASN B 245 -17.39 -11.94 17.16
N ASN B 246 -17.11 -10.87 16.45
CA ASN B 246 -16.95 -10.99 15.01
C ASN B 246 -15.67 -11.77 14.69
N ARG B 247 -15.61 -12.29 13.47
CA ARG B 247 -14.40 -12.98 13.04
C ARG B 247 -13.24 -12.01 12.95
N TRP B 248 -13.48 -10.83 12.39
CA TRP B 248 -12.58 -9.71 12.55
C TRP B 248 -12.88 -9.08 13.89
N LEU B 249 -12.29 -7.94 14.20
CA LEU B 249 -12.51 -7.24 15.46
C LEU B 249 -12.14 -8.08 16.68
N ARG B 250 -11.45 -9.20 16.49
CA ARG B 250 -11.06 -10.03 17.63
C ARG B 250 -10.01 -9.33 18.48
N THR B 251 -9.12 -8.58 17.83
CA THR B 251 -8.05 -7.85 18.51
C THR B 251 -8.42 -6.41 18.79
N ILE B 252 -9.65 -5.99 18.50
CA ILE B 252 -10.05 -4.59 18.59
C ILE B 252 -10.93 -4.42 19.81
N SER B 253 -10.54 -3.52 20.69
CA SER B 253 -11.26 -3.25 21.92
C SER B 253 -12.52 -2.43 21.63
N VAL B 254 -13.32 -2.22 22.67
CA VAL B 254 -14.62 -1.56 22.52
C VAL B 254 -14.82 -0.60 23.66
N ILE B 255 -15.12 0.65 23.35
CA ILE B 255 -15.43 1.65 24.34
C ILE B 255 -16.93 1.86 24.37
N LEU B 256 -17.53 1.75 25.56
CA LEU B 256 -18.94 2.04 25.75
C LEU B 256 -19.17 3.48 26.16
N PHE B 257 -20.29 4.01 25.71
CA PHE B 257 -20.79 5.30 26.18
C PHE B 257 -22.26 5.08 26.45
N LEU B 258 -22.58 4.69 27.68
CA LEU B 258 -23.97 4.50 28.07
C LEU B 258 -24.61 5.87 28.16
N ASN B 259 -25.21 6.31 27.05
CA ASN B 259 -25.50 7.72 26.87
C ASN B 259 -26.84 8.12 27.46
N LYS B 260 -27.05 9.43 27.51
CA LYS B 260 -28.30 10.02 27.97
C LYS B 260 -28.66 9.53 29.37
N GLN B 261 -27.69 9.59 30.28
CA GLN B 261 -27.93 9.11 31.63
C GLN B 261 -28.89 10.01 32.39
N ASP B 262 -28.81 11.33 32.18
CA ASP B 262 -29.73 12.22 32.88
C ASP B 262 -31.17 11.86 32.56
N LEU B 263 -31.42 11.46 31.32
CA LEU B 263 -32.75 10.97 30.97
C LEU B 263 -33.14 9.78 31.85
N LEU B 264 -32.18 8.91 32.17
CA LEU B 264 -32.50 7.81 33.07
C LEU B 264 -32.75 8.32 34.48
N ALA B 265 -32.07 9.38 34.88
CA ALA B 265 -32.34 10.00 36.17
C ALA B 265 -33.78 10.47 36.25
N GLU B 266 -34.26 11.16 35.21
CA GLU B 266 -35.67 11.52 35.18
C GLU B 266 -36.55 10.28 35.14
N LYS B 267 -36.17 9.27 34.36
CA LYS B 267 -37.05 8.14 34.14
C LYS B 267 -37.29 7.36 35.42
N VAL B 268 -36.27 7.20 36.25
CA VAL B 268 -36.44 6.36 37.42
C VAL B 268 -36.61 7.17 38.71
N LEU B 269 -36.25 8.46 38.70
CA LEU B 269 -36.57 9.31 39.84
C LEU B 269 -38.06 9.55 39.94
N ALA B 270 -38.69 9.93 38.84
CA ALA B 270 -40.14 10.05 38.79
C ALA B 270 -40.71 8.66 38.53
N GLY B 271 -41.14 8.00 39.60
CA GLY B 271 -41.53 6.60 39.56
C GLY B 271 -42.50 6.24 38.45
N LYS B 272 -42.15 5.21 37.70
CA LYS B 272 -42.91 4.78 36.54
C LYS B 272 -42.52 3.32 36.27
N SER B 273 -42.81 2.84 35.06
CA SER B 273 -42.49 1.48 34.68
C SER B 273 -41.07 1.11 35.09
N LYS B 274 -40.96 0.12 35.97
CA LYS B 274 -39.70 -0.22 36.62
C LYS B 274 -38.84 -1.10 35.72
N ILE B 275 -37.55 -1.16 36.06
CA ILE B 275 -36.61 -1.97 35.30
C ILE B 275 -37.03 -3.43 35.33
N GLU B 276 -37.54 -3.89 36.47
CA GLU B 276 -37.98 -5.27 36.58
C GLU B 276 -39.09 -5.60 35.58
N ASP B 277 -39.81 -4.59 35.09
CA ASP B 277 -40.86 -4.85 34.11
C ASP B 277 -40.30 -5.52 32.87
N TYR B 278 -39.18 -5.02 32.36
CA TYR B 278 -38.54 -5.59 31.19
C TYR B 278 -37.40 -6.52 31.53
N PHE B 279 -36.96 -6.56 32.79
CA PHE B 279 -35.80 -7.34 33.17
C PHE B 279 -36.14 -8.26 34.34
N PRO B 280 -35.96 -9.56 34.22
CA PRO B 280 -36.30 -10.47 35.32
C PRO B 280 -35.28 -10.43 36.45
N GLU B 281 -34.00 -10.44 36.10
CA GLU B 281 -32.95 -10.64 37.08
C GLU B 281 -32.76 -9.41 37.97
N PHE B 282 -33.32 -8.27 37.57
CA PHE B 282 -33.16 -7.04 38.35
C PHE B 282 -33.69 -7.17 39.76
N ALA B 283 -34.66 -8.05 39.98
CA ALA B 283 -35.19 -8.24 41.33
C ALA B 283 -34.11 -8.72 42.29
N ARG B 284 -33.26 -9.63 41.85
CA ARG B 284 -32.14 -10.10 42.64
C ARG B 284 -30.86 -9.36 42.24
N TYR B 285 -30.84 -8.04 42.46
CA TYR B 285 -29.67 -7.23 42.14
C TYR B 285 -29.50 -6.12 43.15
N THR B 286 -28.35 -6.08 43.78
CA THR B 286 -27.95 -5.01 44.69
C THR B 286 -26.64 -4.42 44.21
N THR B 287 -26.43 -3.15 44.53
CA THR B 287 -25.30 -2.42 43.97
C THR B 287 -23.99 -3.06 44.39
N PRO B 288 -23.08 -3.31 43.45
CA PRO B 288 -21.78 -3.86 43.82
C PRO B 288 -20.96 -2.86 44.62
N GLU B 289 -20.04 -3.39 45.43
CA GLU B 289 -19.26 -2.55 46.32
C GLU B 289 -18.44 -1.53 45.55
N ASP B 290 -17.84 -1.94 44.43
CA ASP B 290 -16.91 -1.08 43.70
C ASP B 290 -17.58 0.11 43.05
N ALA B 291 -18.87 0.31 43.27
CA ALA B 291 -19.56 1.43 42.64
C ALA B 291 -19.00 2.76 43.16
N THR B 292 -19.13 3.79 42.33
CA THR B 292 -18.70 5.14 42.67
C THR B 292 -19.82 6.11 42.38
N PRO B 293 -20.90 6.06 43.17
CA PRO B 293 -22.01 6.99 42.96
C PRO B 293 -21.59 8.44 43.17
N GLU B 294 -21.91 9.27 42.19
CA GLU B 294 -21.70 10.70 42.32
C GLU B 294 -22.62 11.24 43.42
N PRO B 295 -22.18 12.25 44.18
CA PRO B 295 -23.02 12.78 45.26
C PRO B 295 -24.39 13.21 44.76
N GLY B 296 -25.41 12.87 45.54
CA GLY B 296 -26.77 13.12 45.14
C GLY B 296 -27.29 12.06 44.20
N GLU B 297 -27.30 10.81 44.65
CA GLU B 297 -27.68 9.69 43.80
C GLU B 297 -28.31 8.63 44.68
N ASP B 298 -29.58 8.31 44.43
CA ASP B 298 -30.28 7.36 45.26
C ASP B 298 -29.66 5.97 45.12
N PRO B 299 -29.65 5.19 46.20
CA PRO B 299 -29.08 3.84 46.13
C PRO B 299 -29.75 2.93 45.12
N ARG B 300 -31.03 3.14 44.83
CA ARG B 300 -31.70 2.37 43.79
C ARG B 300 -31.46 2.93 42.40
N VAL B 301 -31.33 4.25 42.27
CA VAL B 301 -30.95 4.81 40.98
C VAL B 301 -29.56 4.34 40.59
N THR B 302 -28.68 4.15 41.57
CA THR B 302 -27.38 3.58 41.27
C THR B 302 -27.51 2.18 40.70
N ARG B 303 -28.45 1.40 41.25
CA ARG B 303 -28.71 0.10 40.66
C ARG B 303 -29.26 0.24 39.25
N ALA B 304 -30.05 1.29 39.01
CA ALA B 304 -30.54 1.56 37.66
C ALA B 304 -29.39 1.87 36.72
N LYS B 305 -28.43 2.70 37.17
CA LYS B 305 -27.31 3.09 36.31
C LYS B 305 -26.35 1.93 36.09
N TYR B 306 -26.09 1.17 37.13
CA TYR B 306 -25.12 0.09 37.07
C TYR B 306 -25.71 -1.21 36.57
N PHE B 307 -27.02 -1.33 36.44
CA PHE B 307 -27.56 -2.59 35.95
C PHE B 307 -27.28 -2.76 34.48
N ILE B 308 -27.43 -1.69 33.69
CA ILE B 308 -27.08 -1.76 32.29
C ILE B 308 -25.58 -1.97 32.12
N ARG B 309 -24.76 -1.30 32.94
CA ARG B 309 -23.32 -1.50 32.86
C ARG B 309 -22.99 -2.94 33.20
N ASP B 310 -23.67 -3.50 34.18
CA ASP B 310 -23.47 -4.89 34.55
C ASP B 310 -23.86 -5.81 33.42
N GLU B 311 -24.95 -5.50 32.72
CA GLU B 311 -25.36 -6.34 31.60
C GLU B 311 -24.31 -6.32 30.50
N PHE B 312 -23.82 -5.14 30.16
CA PHE B 312 -22.88 -5.06 29.05
C PHE B 312 -21.53 -5.65 29.42
N LEU B 313 -21.08 -5.48 30.67
CA LEU B 313 -19.88 -6.16 31.10
C LEU B 313 -20.09 -7.65 31.30
N ARG B 314 -21.32 -8.08 31.55
CA ARG B 314 -21.62 -9.50 31.49
C ARG B 314 -21.37 -10.04 30.10
N ILE B 315 -21.77 -9.26 29.09
CA ILE B 315 -21.49 -9.66 27.72
C ILE B 315 -19.98 -9.61 27.46
N SER B 316 -19.29 -8.66 28.08
CA SER B 316 -17.89 -8.44 27.78
C SER B 316 -16.98 -9.49 28.40
N THR B 317 -17.22 -9.86 29.65
CA THR B 317 -16.27 -10.69 30.39
C THR B 317 -16.16 -12.09 29.79
N ALA B 318 -17.30 -12.74 29.56
CA ALA B 318 -17.26 -13.98 28.82
C ALA B 318 -16.79 -13.73 27.39
N SER B 319 -16.30 -14.79 26.76
CA SER B 319 -15.96 -14.78 25.34
C SER B 319 -14.93 -13.69 25.02
N GLY B 320 -13.74 -13.90 25.59
CA GLY B 320 -12.61 -13.05 25.30
C GLY B 320 -11.54 -13.21 26.35
N ASP B 321 -10.28 -13.30 25.92
CA ASP B 321 -9.17 -13.59 26.82
C ASP B 321 -8.02 -12.64 26.49
N GLY B 322 -8.05 -11.45 27.09
CA GLY B 322 -6.92 -10.56 27.08
C GLY B 322 -6.56 -9.98 25.73
N ARG B 323 -7.07 -10.52 24.64
CA ARG B 323 -6.82 -9.91 23.34
C ARG B 323 -7.52 -8.55 23.24
N HIS B 324 -8.69 -8.41 23.84
CA HIS B 324 -9.36 -7.12 23.89
C HIS B 324 -10.25 -7.05 25.12
N TYR B 325 -10.66 -5.84 25.44
CA TYR B 325 -11.42 -5.56 26.64
C TYR B 325 -12.55 -4.58 26.31
N CYS B 326 -13.31 -4.23 27.32
CA CYS B 326 -14.43 -3.31 27.20
C CYS B 326 -14.35 -2.26 28.30
N TYR B 327 -14.51 -1.00 27.93
CA TYR B 327 -14.33 0.10 28.86
C TYR B 327 -15.65 0.82 29.05
N PRO B 328 -16.41 0.53 30.10
CA PRO B 328 -17.69 1.19 30.31
C PRO B 328 -17.52 2.65 30.64
N HIS B 329 -18.57 3.43 30.35
CA HIS B 329 -18.60 4.83 30.70
C HIS B 329 -20.04 5.30 30.85
N PHE B 330 -20.22 6.36 31.62
CA PHE B 330 -21.50 7.00 31.85
C PHE B 330 -21.42 8.43 31.35
N THR B 331 -22.25 8.79 30.39
CA THR B 331 -22.16 10.10 29.75
C THR B 331 -23.54 10.68 29.53
N CYS B 332 -23.76 11.88 30.07
CA CYS B 332 -24.94 12.65 29.73
C CYS B 332 -24.69 13.36 28.40
N SER B 333 -25.73 14.01 27.88
CA SER B 333 -25.62 14.62 26.57
C SER B 333 -24.86 15.94 26.57
N VAL B 334 -24.53 16.47 27.75
CA VAL B 334 -23.91 17.78 27.85
C VAL B 334 -22.46 17.73 28.28
N ASP B 335 -21.98 16.61 28.80
CA ASP B 335 -20.64 16.56 29.36
C ASP B 335 -19.58 16.83 28.29
N THR B 336 -18.51 17.49 28.71
CA THR B 336 -17.46 17.91 27.80
C THR B 336 -16.24 17.02 27.85
N GLU B 337 -15.97 16.39 28.99
CA GLU B 337 -14.82 15.51 29.15
C GLU B 337 -15.16 14.13 28.58
N ASN B 338 -15.20 14.06 27.28
CA ASN B 338 -15.35 12.80 26.56
C ASN B 338 -14.17 12.52 25.66
N ALA B 339 -13.47 13.54 25.19
CA ALA B 339 -12.28 13.31 24.40
C ALA B 339 -11.17 12.71 25.25
N ARG B 340 -11.03 13.18 26.49
CA ARG B 340 -9.99 12.68 27.37
C ARG B 340 -10.21 11.21 27.70
N ARG B 341 -11.46 10.78 27.84
CA ARG B 341 -11.72 9.39 28.13
C ARG B 341 -11.25 8.50 26.98
N ILE B 342 -11.45 8.95 25.75
CA ILE B 342 -10.97 8.20 24.61
C ILE B 342 -9.44 8.19 24.57
N PHE B 343 -8.82 9.30 24.94
CA PHE B 343 -7.36 9.34 25.04
C PHE B 343 -6.84 8.31 26.02
N ASN B 344 -7.39 8.29 27.24
CA ASN B 344 -6.93 7.36 28.25
C ASN B 344 -7.18 5.93 27.85
N ASP B 345 -8.35 5.65 27.30
CA ASP B 345 -8.70 4.29 26.90
C ASP B 345 -7.80 3.78 25.79
N CYS B 346 -7.51 4.63 24.80
CA CYS B 346 -6.66 4.18 23.71
C CYS B 346 -5.22 4.00 24.18
N ARG B 347 -4.77 4.87 25.10
CA ARG B 347 -3.48 4.62 25.74
C ARG B 347 -3.45 3.27 26.40
N ASP B 348 -4.53 2.91 27.10
CA ASP B 348 -4.57 1.60 27.75
C ASP B 348 -4.48 0.48 26.74
N ILE B 349 -5.18 0.60 25.63
CA ILE B 349 -5.16 -0.47 24.64
C ILE B 349 -3.75 -0.66 24.11
N ILE B 350 -3.07 0.46 23.80
CA ILE B 350 -1.72 0.37 23.26
C ILE B 350 -0.77 -0.22 24.29
N GLN B 351 -0.89 0.21 25.55
CA GLN B 351 -0.01 -0.31 26.59
C GLN B 351 -0.22 -1.79 26.82
N ARG B 352 -1.47 -2.24 26.88
CA ARG B 352 -1.70 -3.66 27.12
C ARG B 352 -1.23 -4.48 25.92
N MET B 353 -1.36 -3.95 24.72
CA MET B 353 -0.84 -4.63 23.55
C MET B 353 0.67 -4.80 23.65
N HIS B 354 1.38 -3.71 23.94
CA HIS B 354 2.83 -3.77 23.98
C HIS B 354 3.32 -4.59 25.17
N LEU B 355 2.58 -4.59 26.28
CA LEU B 355 2.97 -5.41 27.42
C LEU B 355 2.76 -6.89 27.14
N ARG B 356 1.69 -7.25 26.44
CA ARG B 356 1.57 -8.65 26.08
C ARG B 356 2.61 -9.07 25.07
N GLN B 357 3.01 -8.16 24.19
CA GLN B 357 4.06 -8.47 23.23
C GLN B 357 5.37 -8.79 23.93
N TYR B 358 5.61 -8.20 25.10
CA TYR B 358 6.81 -8.46 25.89
C TYR B 358 6.58 -9.47 26.99
N GLU B 359 5.41 -10.09 27.02
CA GLU B 359 5.08 -11.13 27.99
C GLU B 359 5.34 -10.69 29.43
N LEU B 360 4.98 -9.45 29.73
CA LEU B 360 4.91 -8.97 31.10
C LEU B 360 3.50 -8.99 31.66
N LEU B 361 2.52 -9.39 30.88
CA LEU B 361 1.12 -9.39 31.31
C LEU B 361 0.47 -10.72 31.02
N GLU C 8 -54.47 -15.85 -3.83
CA GLU C 8 -53.67 -15.48 -2.67
C GLU C 8 -52.17 -15.58 -2.98
N LEU C 9 -51.35 -15.21 -2.01
CA LEU C 9 -49.91 -15.34 -2.17
C LEU C 9 -49.46 -16.80 -2.23
N ASP C 10 -50.26 -17.72 -1.69
CA ASP C 10 -49.92 -19.13 -1.76
C ASP C 10 -49.91 -19.61 -3.20
N GLN C 11 -50.87 -19.17 -4.01
CA GLN C 11 -50.90 -19.56 -5.42
C GLN C 11 -49.66 -19.05 -6.15
N LEU C 12 -49.26 -17.81 -5.90
CA LEU C 12 -48.07 -17.27 -6.53
C LEU C 12 -46.82 -18.01 -6.08
N ARG C 13 -46.75 -18.35 -4.79
CA ARG C 13 -45.60 -19.11 -4.29
C ARG C 13 -45.52 -20.48 -4.94
N GLN C 14 -46.66 -21.16 -5.08
CA GLN C 14 -46.67 -22.46 -5.74
C GLN C 14 -46.27 -22.34 -7.20
N GLU C 15 -46.73 -21.29 -7.88
CA GLU C 15 -46.34 -21.08 -9.27
C GLU C 15 -44.84 -20.86 -9.39
N ALA C 16 -44.28 -20.07 -8.47
CA ALA C 16 -42.84 -19.84 -8.48
C ALA C 16 -42.07 -21.13 -8.22
N GLU C 17 -42.56 -21.95 -7.29
CA GLU C 17 -41.90 -23.22 -7.01
C GLU C 17 -41.95 -24.14 -8.23
N GLN C 18 -43.09 -24.18 -8.92
CA GLN C 18 -43.19 -24.98 -10.13
C GLN C 18 -42.24 -24.48 -11.20
N LEU C 19 -42.13 -23.16 -11.36
CA LEU C 19 -41.21 -22.61 -12.34
C LEU C 19 -39.77 -22.94 -11.99
N LYS C 20 -39.43 -22.88 -10.70
CA LYS C 20 -38.06 -23.22 -10.27
C LYS C 20 -37.78 -24.70 -10.55
N ASN C 21 -38.75 -25.57 -10.30
CA ASN C 21 -38.60 -26.97 -10.63
C ASN C 21 -38.38 -27.15 -12.14
N GLN C 22 -39.11 -26.37 -12.94
CA GLN C 22 -38.91 -26.43 -14.38
C GLN C 22 -37.51 -26.00 -14.76
N ILE C 23 -37.01 -24.93 -14.16
CA ILE C 23 -35.68 -24.44 -14.49
C ILE C 23 -34.64 -25.49 -14.13
N ARG C 24 -34.76 -26.08 -12.93
CA ARG C 24 -33.79 -27.09 -12.52
C ARG C 24 -33.89 -28.34 -13.38
N ASP C 25 -35.10 -28.71 -13.81
CA ASP C 25 -35.24 -29.86 -14.70
C ASP C 25 -34.58 -29.60 -16.04
N ALA C 26 -34.77 -28.40 -16.59
CA ALA C 26 -34.15 -28.05 -17.87
C ALA C 26 -32.64 -28.06 -17.75
N ARG C 27 -32.11 -27.54 -16.64
CA ARG C 27 -30.66 -27.54 -16.44
C ARG C 27 -30.12 -28.95 -16.27
N LYS C 28 -30.82 -29.80 -15.50
CA LYS C 28 -30.36 -31.16 -15.29
C LYS C 28 -30.43 -31.98 -16.57
N ALA C 29 -31.40 -31.68 -17.44
CA ALA C 29 -31.56 -32.47 -18.65
C ALA C 29 -30.38 -32.28 -19.60
N CYS C 30 -30.03 -31.04 -19.90
CA CYS C 30 -28.98 -30.79 -20.88
C CYS C 30 -27.60 -30.78 -20.22
N ALA C 31 -27.27 -31.85 -19.51
CA ALA C 31 -26.03 -31.95 -18.74
C ALA C 31 -25.37 -33.30 -19.00
N ASP C 32 -25.21 -33.65 -20.28
CA ASP C 32 -24.78 -34.99 -20.65
C ASP C 32 -23.41 -35.32 -20.08
N ALA C 33 -22.46 -34.39 -20.13
CA ALA C 33 -21.10 -34.64 -19.69
C ALA C 33 -20.62 -33.53 -18.77
N THR C 34 -19.42 -33.72 -18.22
CA THR C 34 -18.75 -32.74 -17.37
C THR C 34 -17.40 -32.44 -17.98
N LEU C 35 -16.93 -31.20 -17.80
CA LEU C 35 -15.71 -30.75 -18.47
C LEU C 35 -14.53 -31.65 -18.16
N SER C 36 -14.52 -32.28 -16.99
CA SER C 36 -13.44 -33.20 -16.66
C SER C 36 -13.42 -34.39 -17.61
N GLN C 37 -14.59 -34.91 -17.96
CA GLN C 37 -14.65 -36.05 -18.87
C GLN C 37 -14.05 -35.72 -20.22
N ILE C 38 -14.36 -34.54 -20.75
CA ILE C 38 -13.82 -34.15 -22.05
C ILE C 38 -12.34 -33.86 -21.95
N THR C 39 -11.90 -33.23 -20.86
CA THR C 39 -10.52 -32.79 -20.73
C THR C 39 -9.59 -33.88 -20.19
N ASN C 40 -10.12 -35.07 -19.88
CA ASN C 40 -9.29 -36.15 -19.37
C ASN C 40 -8.20 -36.57 -20.36
N ASN C 41 -8.35 -36.26 -21.63
CA ASN C 41 -7.32 -36.58 -22.63
C ASN C 41 -6.44 -35.38 -22.97
N ILE C 42 -6.67 -34.23 -22.34
CA ILE C 42 -5.92 -33.02 -22.67
C ILE C 42 -4.62 -33.02 -21.89
N ASP C 43 -3.52 -32.71 -22.57
CA ASP C 43 -2.21 -32.72 -21.92
C ASP C 43 -2.14 -31.61 -20.89
N PRO C 44 -1.91 -31.91 -19.61
CA PRO C 44 -1.87 -30.87 -18.60
C PRO C 44 -0.67 -29.96 -18.77
N VAL C 45 -0.82 -28.73 -18.33
CA VAL C 45 0.32 -27.80 -18.31
C VAL C 45 1.22 -28.18 -17.16
N GLY C 46 2.49 -27.85 -17.27
CA GLY C 46 3.43 -28.10 -16.21
C GLY C 46 3.29 -27.09 -15.10
N ARG C 47 4.11 -27.27 -14.08
CA ARG C 47 4.16 -26.32 -12.98
C ARG C 47 4.56 -24.95 -13.52
N ILE C 48 3.67 -23.98 -13.37
CA ILE C 48 3.95 -22.63 -13.83
C ILE C 48 4.73 -21.91 -12.75
N GLN C 49 5.97 -21.57 -13.05
CA GLN C 49 6.83 -20.83 -12.13
C GLN C 49 6.85 -19.38 -12.58
N MET C 50 6.39 -18.49 -11.70
CA MET C 50 6.40 -17.06 -11.98
C MET C 50 7.04 -16.34 -10.82
N ARG C 51 7.90 -15.39 -11.13
CA ARG C 51 8.76 -14.75 -10.15
C ARG C 51 8.41 -13.28 -10.05
N THR C 52 8.56 -12.72 -8.86
CA THR C 52 8.26 -11.32 -8.66
C THR C 52 9.31 -10.53 -9.42
N ARG C 53 8.96 -10.13 -10.65
CA ARG C 53 9.90 -9.38 -11.46
C ARG C 53 10.11 -7.98 -10.93
N ARG C 54 9.07 -7.36 -10.40
CA ARG C 54 9.24 -6.01 -9.91
C ARG C 54 8.12 -5.67 -8.94
N THR C 55 8.51 -5.27 -7.75
CA THR C 55 7.60 -4.96 -6.66
C THR C 55 7.35 -3.47 -6.64
N LEU C 56 6.10 -3.09 -6.45
CA LEU C 56 5.65 -1.72 -6.55
C LEU C 56 5.32 -1.25 -5.14
N ARG C 57 6.09 -0.30 -4.63
CA ARG C 57 6.04 0.08 -3.23
C ARG C 57 5.61 1.53 -3.11
N GLY C 58 4.85 1.82 -2.06
CA GLY C 58 4.50 3.20 -1.78
C GLY C 58 3.13 3.42 -1.19
N HIS C 59 2.20 2.48 -1.36
CA HIS C 59 0.93 2.60 -0.68
C HIS C 59 1.13 2.55 0.83
N LEU C 60 0.35 3.35 1.55
CA LEU C 60 0.56 3.52 2.96
C LEU C 60 -0.11 2.41 3.77
N ALA C 61 -1.10 1.74 3.18
CA ALA C 61 -1.88 0.71 3.85
C ALA C 61 -2.45 -0.22 2.79
N LYS C 62 -3.45 -1.00 3.15
CA LYS C 62 -3.87 -2.14 2.35
C LYS C 62 -4.39 -1.70 0.98
N ILE C 63 -4.18 -2.56 0.00
CA ILE C 63 -4.64 -2.34 -1.36
C ILE C 63 -5.93 -3.12 -1.55
N TYR C 64 -6.92 -2.47 -2.15
CA TYR C 64 -8.22 -3.09 -2.38
C TYR C 64 -8.54 -3.34 -3.85
N ALA C 65 -7.93 -2.60 -4.78
CA ALA C 65 -8.29 -2.73 -6.17
C ALA C 65 -7.14 -2.26 -7.04
N MET C 66 -7.00 -2.91 -8.20
CA MET C 66 -6.07 -2.53 -9.24
C MET C 66 -6.73 -2.74 -10.59
N HIS C 67 -6.27 -1.99 -11.60
CA HIS C 67 -6.74 -2.21 -12.95
C HIS C 67 -5.63 -1.85 -13.93
N TRP C 68 -5.57 -2.60 -15.02
CA TRP C 68 -4.54 -2.41 -16.04
C TRP C 68 -5.03 -1.45 -17.11
N GLY C 69 -4.17 -0.52 -17.49
CA GLY C 69 -4.42 0.23 -18.70
C GLY C 69 -4.41 -0.66 -19.91
N THR C 70 -5.10 -0.22 -20.96
CA THR C 70 -5.26 -1.09 -22.12
C THR C 70 -3.97 -1.22 -22.92
N ASP C 71 -2.96 -0.43 -22.59
CA ASP C 71 -1.67 -0.53 -23.25
C ASP C 71 -0.71 -1.48 -22.56
N SER C 72 -1.15 -2.12 -21.48
CA SER C 72 -0.39 -3.13 -20.76
C SER C 72 0.86 -2.55 -20.12
N ARG C 73 0.89 -1.30 -19.84
CA ARG C 73 2.03 -0.75 -19.13
C ARG C 73 1.63 0.03 -17.88
N LEU C 74 0.52 0.74 -17.94
CA LEU C 74 0.10 1.56 -16.81
C LEU C 74 -0.85 0.77 -15.91
N LEU C 75 -1.01 1.25 -14.70
CA LEU C 75 -1.64 0.47 -13.64
C LEU C 75 -2.15 1.41 -12.57
N VAL C 76 -3.44 1.36 -12.29
CA VAL C 76 -4.04 2.13 -11.21
C VAL C 76 -4.25 1.20 -10.02
N SER C 77 -4.06 1.72 -8.82
CA SER C 77 -4.28 0.95 -7.60
C SER C 77 -4.96 1.85 -6.58
N ALA C 78 -5.78 1.24 -5.73
CA ALA C 78 -6.51 1.93 -4.69
C ALA C 78 -6.18 1.36 -3.33
N SER C 79 -6.06 2.22 -2.33
CA SER C 79 -5.74 1.79 -0.99
C SER C 79 -6.62 2.52 0.01
N GLN C 80 -6.75 1.92 1.19
CA GLN C 80 -7.49 2.51 2.31
C GLN C 80 -6.96 3.88 2.70
N ASP C 81 -5.81 4.26 2.16
CA ASP C 81 -5.19 5.54 2.51
C ASP C 81 -6.07 6.70 2.06
N GLY C 82 -6.63 6.58 0.87
CA GLY C 82 -7.32 7.68 0.22
C GLY C 82 -6.54 8.13 -0.99
N LYS C 83 -5.81 7.22 -1.62
CA LYS C 83 -4.98 7.55 -2.76
C LYS C 83 -5.14 6.54 -3.88
N LEU C 84 -5.03 7.03 -5.11
CA LEU C 84 -4.86 6.21 -6.29
C LEU C 84 -3.50 6.54 -6.90
N ILE C 85 -2.72 5.51 -7.20
CA ILE C 85 -1.42 5.68 -7.82
C ILE C 85 -1.49 5.08 -9.21
N ILE C 86 -1.03 5.83 -10.22
CA ILE C 86 -0.86 5.32 -11.58
C ILE C 86 0.59 4.91 -11.71
N TRP C 87 0.84 3.61 -11.78
CA TRP C 87 2.19 3.09 -11.89
C TRP C 87 2.57 2.91 -13.34
N ASP C 88 3.85 3.04 -13.61
CA ASP C 88 4.45 2.56 -14.86
C ASP C 88 5.08 1.22 -14.52
N SER C 89 4.46 0.14 -14.98
CA SER C 89 4.93 -1.19 -14.61
C SER C 89 6.37 -1.40 -15.05
N TYR C 90 6.67 -1.05 -16.31
CA TYR C 90 7.98 -1.40 -16.86
C TYR C 90 9.12 -0.77 -16.09
N THR C 91 8.95 0.44 -15.60
CA THR C 91 10.04 1.17 -14.97
C THR C 91 9.89 1.36 -13.48
N THR C 92 8.86 0.79 -12.86
CA THR C 92 8.55 0.97 -11.45
C THR C 92 8.60 2.47 -11.10
N ASN C 93 7.70 3.19 -11.74
CA ASN C 93 7.64 4.63 -11.68
C ASN C 93 6.22 5.06 -11.33
N LYS C 94 6.10 6.19 -10.64
CA LYS C 94 4.82 6.79 -10.35
C LYS C 94 4.51 7.83 -11.42
N VAL C 95 3.40 7.64 -12.13
CA VAL C 95 2.96 8.60 -13.14
C VAL C 95 2.12 9.69 -12.52
N HIS C 96 1.04 9.32 -11.82
CA HIS C 96 0.20 10.24 -11.08
C HIS C 96 -0.07 9.65 -9.71
N ALA C 97 -0.45 10.50 -8.77
CA ALA C 97 -0.91 10.08 -7.45
C ALA C 97 -2.10 10.94 -7.06
N ILE C 98 -3.29 10.36 -7.08
CA ILE C 98 -4.53 11.10 -6.91
C ILE C 98 -4.95 11.00 -5.44
N PRO C 99 -5.07 12.12 -4.72
CA PRO C 99 -5.60 12.07 -3.36
C PRO C 99 -7.13 12.14 -3.39
N LEU C 100 -7.78 11.14 -2.80
CA LEU C 100 -9.23 11.06 -2.82
C LEU C 100 -9.85 11.88 -1.70
N ARG C 101 -11.18 11.98 -1.73
CA ARG C 101 -11.93 12.66 -0.69
C ARG C 101 -12.33 11.72 0.44
N SER C 102 -12.74 10.50 0.11
CA SER C 102 -13.12 9.50 1.09
C SER C 102 -12.04 8.44 1.17
N SER C 103 -11.64 8.11 2.40
CA SER C 103 -10.53 7.20 2.60
C SER C 103 -10.87 5.77 2.25
N TRP C 104 -12.14 5.40 2.28
CA TRP C 104 -12.54 4.01 2.10
C TRP C 104 -12.93 3.75 0.64
N VAL C 105 -11.91 3.73 -0.20
CA VAL C 105 -12.11 3.34 -1.59
C VAL C 105 -12.09 1.81 -1.66
N MET C 106 -13.01 1.27 -2.44
CA MET C 106 -13.18 -0.16 -2.56
C MET C 106 -13.07 -0.66 -3.99
N THR C 107 -12.93 0.22 -4.97
CA THR C 107 -12.83 -0.18 -6.36
C THR C 107 -12.17 0.93 -7.16
N CYS C 108 -11.61 0.56 -8.31
CA CYS C 108 -11.04 1.52 -9.23
C CYS C 108 -10.99 0.90 -10.62
N ALA C 109 -11.15 1.74 -11.63
CA ALA C 109 -11.14 1.29 -13.01
C ALA C 109 -10.32 2.25 -13.86
N TYR C 110 -9.76 1.73 -14.95
CA TYR C 110 -8.96 2.52 -15.89
C TYR C 110 -9.73 2.56 -17.18
N ALA C 111 -10.01 3.76 -17.69
CA ALA C 111 -10.78 3.89 -18.90
C ALA C 111 -10.01 3.30 -20.08
N PRO C 112 -10.71 2.68 -21.03
CA PRO C 112 -10.00 2.05 -22.15
C PRO C 112 -9.20 3.03 -22.96
N SER C 113 -9.63 4.27 -23.05
CA SER C 113 -8.92 5.29 -23.80
C SER C 113 -7.76 5.89 -23.02
N GLY C 114 -7.63 5.58 -21.75
CA GLY C 114 -6.55 6.13 -20.97
C GLY C 114 -6.80 7.53 -20.47
N ASN C 115 -7.98 8.09 -20.72
CA ASN C 115 -8.25 9.46 -20.35
C ASN C 115 -8.79 9.60 -18.94
N TYR C 116 -9.48 8.59 -18.43
CA TYR C 116 -10.20 8.68 -17.17
C TYR C 116 -9.88 7.50 -16.28
N VAL C 117 -10.08 7.70 -14.98
CA VAL C 117 -9.97 6.66 -13.97
C VAL C 117 -11.09 6.88 -12.96
N ALA C 118 -11.66 5.78 -12.46
CA ALA C 118 -12.77 5.83 -11.53
C ALA C 118 -12.37 5.26 -10.17
N CYS C 119 -13.15 5.62 -9.15
CA CYS C 119 -12.99 5.05 -7.81
C CYS C 119 -14.29 5.22 -7.05
N GLY C 120 -14.44 4.44 -5.99
CA GLY C 120 -15.63 4.49 -5.16
C GLY C 120 -15.44 3.63 -3.94
N GLY C 121 -16.40 3.73 -3.02
CA GLY C 121 -16.31 2.95 -1.81
C GLY C 121 -17.45 3.11 -0.82
N LEU C 122 -17.12 3.19 0.47
CA LEU C 122 -18.15 3.33 1.51
C LEU C 122 -18.93 4.62 1.32
N ASP C 123 -18.24 5.72 1.04
CA ASP C 123 -18.93 6.89 0.52
C ASP C 123 -19.67 6.48 -0.73
N ASN C 124 -20.93 6.84 -0.80
CA ASN C 124 -21.84 6.18 -1.72
C ASN C 124 -21.63 6.60 -3.16
N ILE C 125 -20.54 7.28 -3.48
CA ILE C 125 -20.37 7.99 -4.75
C ILE C 125 -19.29 7.32 -5.58
N CYS C 126 -19.47 7.35 -6.90
CA CYS C 126 -18.46 6.96 -7.86
C CYS C 126 -17.83 8.21 -8.47
N SER C 127 -16.52 8.36 -8.34
CA SER C 127 -15.82 9.55 -8.80
C SER C 127 -15.07 9.25 -10.08
N ILE C 128 -15.15 10.17 -11.04
CA ILE C 128 -14.45 10.06 -12.32
C ILE C 128 -13.40 11.15 -12.39
N TYR C 129 -12.18 10.78 -12.76
CA TYR C 129 -11.04 11.69 -12.79
C TYR C 129 -10.55 11.87 -14.21
N ASN C 130 -10.22 13.12 -14.56
CA ASN C 130 -9.71 13.45 -15.89
C ASN C 130 -8.19 13.45 -15.82
N LEU C 131 -7.57 12.45 -16.43
CA LEU C 131 -6.13 12.33 -16.36
C LEU C 131 -5.43 13.32 -17.29
N LYS C 132 -5.94 13.47 -18.50
CA LYS C 132 -5.26 14.26 -19.53
C LYS C 132 -5.88 15.64 -19.62
N THR C 133 -5.56 16.47 -18.64
CA THR C 133 -6.08 17.82 -18.52
C THR C 133 -5.06 18.82 -19.06
N ARG C 134 -5.55 19.87 -19.70
CA ARG C 134 -4.68 20.91 -20.22
C ARG C 134 -3.90 21.63 -19.12
N GLU C 135 -4.37 21.58 -17.88
CA GLU C 135 -3.72 22.29 -16.79
C GLU C 135 -2.68 21.46 -16.07
N GLY C 136 -2.60 20.16 -16.33
CA GLY C 136 -1.55 19.35 -15.77
C GLY C 136 -1.94 18.40 -14.66
N ASN C 137 -2.79 18.85 -13.74
CA ASN C 137 -3.19 18.02 -12.61
C ASN C 137 -4.36 17.12 -13.01
N VAL C 138 -4.62 16.14 -12.15
CA VAL C 138 -5.76 15.24 -12.32
C VAL C 138 -6.92 15.79 -11.50
N ARG C 139 -8.05 15.99 -12.15
CA ARG C 139 -9.20 16.62 -11.54
C ARG C 139 -10.39 15.69 -11.56
N VAL C 140 -11.33 15.92 -10.65
CA VAL C 140 -12.56 15.15 -10.64
C VAL C 140 -13.48 15.68 -11.72
N SER C 141 -13.91 14.79 -12.61
CA SER C 141 -14.83 15.19 -13.67
C SER C 141 -16.27 15.18 -13.18
N ARG C 142 -16.74 14.05 -12.67
CA ARG C 142 -18.08 13.93 -12.12
C ARG C 142 -18.04 13.11 -10.84
N GLU C 143 -18.99 13.39 -9.96
CA GLU C 143 -19.29 12.52 -8.82
C GLU C 143 -20.67 11.96 -9.07
N LEU C 144 -20.75 10.65 -9.25
CA LEU C 144 -22.00 10.00 -9.65
C LEU C 144 -22.73 9.53 -8.39
N ALA C 145 -23.63 10.36 -7.89
CA ALA C 145 -24.41 10.04 -6.71
C ALA C 145 -25.72 9.39 -7.10
N GLY C 146 -26.30 8.66 -6.16
CA GLY C 146 -27.59 8.06 -6.40
C GLY C 146 -27.74 6.70 -5.76
N HIS C 147 -26.64 6.10 -5.35
CA HIS C 147 -26.68 4.83 -4.65
C HIS C 147 -26.91 5.08 -3.17
N THR C 148 -27.39 4.05 -2.49
CA THR C 148 -27.65 4.10 -1.06
C THR C 148 -26.93 2.98 -0.32
N GLY C 149 -25.70 2.71 -0.74
CA GLY C 149 -24.89 1.67 -0.13
C GLY C 149 -23.51 1.70 -0.74
N TYR C 150 -22.59 1.01 -0.07
CA TYR C 150 -21.20 1.06 -0.50
C TYR C 150 -21.07 0.50 -1.90
N LEU C 151 -20.15 1.08 -2.66
CA LEU C 151 -20.01 0.81 -4.08
C LEU C 151 -18.83 -0.14 -4.26
N SER C 152 -19.09 -1.33 -4.78
CA SER C 152 -18.10 -2.40 -4.75
C SER C 152 -17.33 -2.56 -6.05
N CYS C 153 -17.89 -2.23 -7.21
CA CYS C 153 -17.14 -2.33 -8.44
C CYS C 153 -17.58 -1.28 -9.44
N CYS C 154 -16.61 -0.75 -10.17
CA CYS C 154 -16.84 0.26 -11.21
C CYS C 154 -16.08 -0.17 -12.46
N ARG C 155 -16.74 -0.12 -13.61
CA ARG C 155 -16.11 -0.50 -14.86
C ARG C 155 -16.58 0.40 -15.99
N PHE C 156 -15.63 0.86 -16.80
CA PHE C 156 -15.93 1.78 -17.89
C PHE C 156 -16.37 1.02 -19.12
N LEU C 157 -17.41 1.52 -19.79
CA LEU C 157 -17.74 1.02 -21.11
C LEU C 157 -17.21 1.89 -22.22
N ASP C 158 -17.06 3.18 -21.97
CA ASP C 158 -16.58 4.16 -22.91
C ASP C 158 -16.17 5.37 -22.09
N ASP C 159 -15.81 6.45 -22.75
CA ASP C 159 -15.48 7.65 -22.01
C ASP C 159 -16.71 8.29 -21.37
N ASN C 160 -17.90 7.90 -21.79
CA ASN C 160 -19.13 8.53 -21.35
C ASN C 160 -20.12 7.59 -20.70
N GLN C 161 -19.79 6.32 -20.56
CA GLN C 161 -20.67 5.36 -19.91
C GLN C 161 -19.88 4.50 -18.93
N ILE C 162 -20.45 4.30 -17.75
CA ILE C 162 -19.83 3.55 -16.68
C ILE C 162 -20.90 2.72 -15.97
N VAL C 163 -20.52 1.51 -15.55
CA VAL C 163 -21.42 0.58 -14.89
C VAL C 163 -20.89 0.31 -13.49
N THR C 164 -21.78 0.34 -12.51
CA THR C 164 -21.41 0.26 -11.10
C THR C 164 -22.24 -0.80 -10.39
N SER C 165 -21.80 -1.16 -9.18
CA SER C 165 -22.51 -2.12 -8.36
C SER C 165 -22.28 -1.76 -6.89
N SER C 166 -23.34 -1.75 -6.09
CA SER C 166 -23.26 -1.22 -4.74
C SER C 166 -23.86 -2.20 -3.75
N GLY C 167 -23.81 -1.81 -2.48
CA GLY C 167 -24.27 -2.69 -1.41
C GLY C 167 -25.76 -2.96 -1.46
N ASP C 168 -26.56 -1.93 -1.66
CA ASP C 168 -27.95 -2.17 -1.95
C ASP C 168 -28.06 -3.04 -3.19
N THR C 169 -29.11 -3.84 -3.25
CA THR C 169 -29.19 -4.87 -4.26
C THR C 169 -29.43 -4.12 -5.57
N THR C 170 -28.35 -3.73 -6.25
CA THR C 170 -28.50 -2.75 -7.32
C THR C 170 -27.19 -2.57 -8.08
N CYS C 171 -27.24 -2.73 -9.40
CA CYS C 171 -26.23 -2.25 -10.31
C CYS C 171 -26.88 -1.22 -11.22
N ALA C 172 -26.08 -0.33 -11.79
CA ALA C 172 -26.64 0.73 -12.61
C ALA C 172 -25.67 1.13 -13.70
N LEU C 173 -26.23 1.70 -14.77
CA LEU C 173 -25.44 2.26 -15.87
C LEU C 173 -25.63 3.77 -15.85
N TRP C 174 -24.52 4.50 -15.96
CA TRP C 174 -24.54 5.93 -15.85
C TRP C 174 -24.09 6.59 -17.14
N ASP C 175 -24.67 7.75 -17.41
CA ASP C 175 -24.27 8.62 -18.50
C ASP C 175 -23.49 9.77 -17.89
N ILE C 176 -22.18 9.81 -18.13
CA ILE C 176 -21.30 10.63 -17.32
C ILE C 176 -21.58 12.12 -17.53
N GLU C 177 -21.79 12.54 -18.77
CA GLU C 177 -21.98 13.97 -19.02
C GLU C 177 -23.26 14.49 -18.40
N THR C 178 -24.17 13.62 -17.97
CA THR C 178 -25.38 14.02 -17.29
C THR C 178 -25.41 13.57 -15.83
N GLY C 179 -24.96 12.37 -15.55
CA GLY C 179 -24.98 11.87 -14.18
C GLY C 179 -26.35 11.44 -13.73
N GLN C 180 -27.03 10.60 -14.50
CA GLN C 180 -28.47 10.47 -14.38
C GLN C 180 -28.98 9.03 -14.38
N GLN C 181 -28.10 8.03 -14.32
CA GLN C 181 -28.51 6.63 -14.23
C GLN C 181 -29.44 6.22 -15.38
N THR C 182 -28.86 6.20 -16.58
CA THR C 182 -29.55 5.73 -17.77
C THR C 182 -30.42 4.51 -17.50
N THR C 183 -29.87 3.51 -16.83
CA THR C 183 -30.63 2.32 -16.47
C THR C 183 -30.27 1.92 -15.05
N THR C 184 -31.20 1.26 -14.37
CA THR C 184 -30.93 0.68 -13.06
C THR C 184 -31.35 -0.78 -13.09
N PHE C 185 -30.52 -1.63 -12.46
CA PHE C 185 -30.72 -3.06 -12.44
C PHE C 185 -31.08 -3.49 -11.03
N THR C 186 -32.18 -4.25 -10.90
CA THR C 186 -32.84 -4.42 -9.63
C THR C 186 -32.59 -5.77 -8.97
N GLY C 187 -32.87 -6.87 -9.65
CA GLY C 187 -32.91 -8.16 -8.99
C GLY C 187 -31.64 -8.58 -8.28
N HIS C 188 -31.70 -8.57 -6.96
CA HIS C 188 -30.77 -9.23 -6.05
C HIS C 188 -31.40 -9.17 -4.67
N THR C 189 -30.82 -9.92 -3.75
CA THR C 189 -31.23 -9.89 -2.36
C THR C 189 -30.14 -9.40 -1.43
N GLY C 190 -28.87 -9.52 -1.81
CA GLY C 190 -27.79 -9.09 -0.96
C GLY C 190 -26.88 -8.03 -1.56
N ASP C 191 -25.66 -7.95 -1.05
CA ASP C 191 -24.71 -6.94 -1.46
C ASP C 191 -23.99 -7.38 -2.73
N VAL C 192 -24.05 -6.56 -3.78
CA VAL C 192 -23.32 -6.89 -5.00
C VAL C 192 -21.86 -6.58 -4.79
N MET C 193 -21.00 -7.57 -5.03
CA MET C 193 -19.58 -7.47 -4.73
C MET C 193 -18.69 -7.29 -5.95
N SER C 194 -18.96 -7.97 -7.06
CA SER C 194 -18.06 -7.95 -8.20
C SER C 194 -18.82 -7.69 -9.49
N LEU C 195 -18.05 -7.53 -10.57
CA LEU C 195 -18.56 -7.08 -11.86
C LEU C 195 -17.50 -7.31 -12.92
N SER C 196 -17.92 -7.74 -14.11
CA SER C 196 -16.98 -7.96 -15.20
C SER C 196 -17.69 -7.74 -16.51
N LEU C 197 -17.28 -6.71 -17.25
CA LEU C 197 -17.85 -6.44 -18.56
C LEU C 197 -17.39 -7.47 -19.57
N ALA C 198 -18.25 -7.77 -20.52
CA ALA C 198 -17.88 -8.66 -21.60
C ALA C 198 -16.86 -7.98 -22.49
N PRO C 199 -16.09 -8.74 -23.26
CA PRO C 199 -15.16 -8.09 -24.19
C PRO C 199 -15.84 -7.66 -25.47
N ASP C 200 -17.06 -7.17 -25.30
CA ASP C 200 -17.81 -6.36 -26.26
C ASP C 200 -18.91 -5.74 -25.42
N THR C 201 -18.85 -4.44 -25.18
CA THR C 201 -19.60 -3.87 -24.05
C THR C 201 -21.07 -3.97 -24.49
N ARG C 202 -21.66 -5.12 -24.17
CA ARG C 202 -23.03 -5.41 -24.55
C ARG C 202 -23.71 -6.12 -23.39
N LEU C 203 -22.96 -6.91 -22.63
CA LEU C 203 -23.46 -7.66 -21.51
C LEU C 203 -22.52 -7.45 -20.32
N PHE C 204 -22.96 -7.80 -19.13
CA PHE C 204 -22.08 -7.83 -17.98
C PHE C 204 -22.68 -8.71 -16.90
N VAL C 205 -21.84 -9.16 -15.97
CA VAL C 205 -22.26 -10.07 -14.92
C VAL C 205 -21.87 -9.54 -13.55
N SER C 206 -22.62 -9.98 -12.53
CA SER C 206 -22.43 -9.51 -11.17
C SER C 206 -22.85 -10.60 -10.19
N GLY C 207 -22.07 -10.77 -9.14
CA GLY C 207 -22.40 -11.71 -8.06
C GLY C 207 -22.59 -10.97 -6.76
N ALA C 208 -23.66 -11.31 -6.02
CA ALA C 208 -24.10 -10.45 -4.92
C ALA C 208 -24.47 -11.22 -3.65
N CYS C 209 -23.46 -11.57 -2.85
CA CYS C 209 -23.63 -11.91 -1.43
C CYS C 209 -24.90 -12.70 -1.18
N ASP C 210 -25.23 -13.63 -2.07
CA ASP C 210 -26.42 -14.46 -1.86
C ASP C 210 -26.26 -15.76 -2.62
N ALA C 211 -25.05 -16.11 -3.00
CA ALA C 211 -24.77 -17.31 -3.80
C ALA C 211 -25.56 -17.29 -5.10
N SER C 212 -25.55 -16.15 -5.77
CA SER C 212 -26.20 -16.03 -7.07
C SER C 212 -25.47 -14.96 -7.87
N ALA C 213 -25.25 -15.22 -9.15
CA ALA C 213 -24.60 -14.30 -10.06
C ALA C 213 -25.49 -14.14 -11.27
N LYS C 214 -25.73 -12.90 -11.67
CA LYS C 214 -26.71 -12.61 -12.70
C LYS C 214 -26.07 -11.92 -13.89
N LEU C 215 -26.44 -12.36 -15.09
CA LEU C 215 -26.01 -11.72 -16.32
C LEU C 215 -27.03 -10.67 -16.73
N TRP C 216 -26.55 -9.48 -17.07
CA TRP C 216 -27.42 -8.35 -17.37
C TRP C 216 -27.18 -7.84 -18.78
N ASP C 217 -28.25 -7.40 -19.43
CA ASP C 217 -28.17 -6.74 -20.72
C ASP C 217 -28.10 -5.23 -20.49
N VAL C 218 -27.06 -4.60 -21.01
CA VAL C 218 -26.81 -3.21 -20.65
C VAL C 218 -27.85 -2.29 -21.27
N ARG C 219 -28.20 -2.56 -22.50
CA ARG C 219 -29.20 -1.75 -23.16
C ARG C 219 -30.59 -2.23 -22.83
N GLU C 220 -30.69 -3.37 -22.19
CA GLU C 220 -32.02 -3.95 -21.91
C GLU C 220 -32.42 -3.84 -20.45
N GLY C 221 -31.46 -3.98 -19.55
CA GLY C 221 -31.76 -3.93 -18.13
C GLY C 221 -32.19 -5.27 -17.60
N MET C 222 -33.04 -5.98 -18.34
CA MET C 222 -33.50 -7.28 -17.90
C MET C 222 -32.34 -8.13 -17.40
N CYS C 223 -32.57 -8.82 -16.30
CA CYS C 223 -31.68 -9.88 -15.84
C CYS C 223 -31.87 -11.06 -16.76
N ARG C 224 -30.92 -11.27 -17.66
CA ARG C 224 -31.18 -12.18 -18.78
C ARG C 224 -30.86 -13.63 -18.45
N GLN C 225 -30.15 -13.90 -17.35
CA GLN C 225 -29.77 -15.22 -16.88
C GLN C 225 -29.58 -15.15 -15.38
N THR C 226 -29.60 -16.30 -14.71
CA THR C 226 -29.16 -16.37 -13.33
C THR C 226 -28.49 -17.71 -13.07
N PHE C 227 -27.66 -17.74 -12.03
CA PHE C 227 -26.87 -18.92 -11.69
C PHE C 227 -26.78 -19.02 -10.17
N THR C 228 -27.08 -20.19 -9.63
CA THR C 228 -27.29 -20.35 -8.19
C THR C 228 -26.57 -21.58 -7.66
N GLY C 229 -25.32 -21.77 -8.05
CA GLY C 229 -24.59 -22.93 -7.61
C GLY C 229 -23.86 -22.79 -6.29
N HIS C 230 -23.50 -21.56 -5.93
CA HIS C 230 -22.58 -21.34 -4.82
C HIS C 230 -23.26 -21.63 -3.48
N GLU C 231 -22.51 -21.48 -2.41
CA GLU C 231 -22.99 -21.74 -1.06
C GLU C 231 -22.81 -20.60 -0.09
N SER C 232 -22.06 -19.56 -0.45
CA SER C 232 -21.90 -18.41 0.41
C SER C 232 -21.67 -17.20 -0.48
N ASP C 233 -21.17 -16.13 0.11
CA ASP C 233 -21.00 -14.88 -0.60
C ASP C 233 -20.08 -15.07 -1.80
N ILE C 234 -20.33 -14.30 -2.86
CA ILE C 234 -19.51 -14.28 -4.06
C ILE C 234 -18.67 -13.03 -4.05
N ASN C 235 -17.35 -13.19 -4.14
CA ASN C 235 -16.45 -12.07 -3.95
C ASN C 235 -15.73 -11.61 -5.21
N ALA C 236 -15.70 -12.42 -6.26
CA ALA C 236 -15.02 -12.02 -7.48
C ALA C 236 -15.72 -12.66 -8.66
N ILE C 237 -15.54 -12.05 -9.83
CA ILE C 237 -16.17 -12.54 -11.04
C ILE C 237 -15.38 -12.01 -12.23
N CYS C 238 -15.30 -12.80 -13.29
CA CYS C 238 -14.63 -12.36 -14.52
C CYS C 238 -15.09 -13.20 -15.69
N PHE C 239 -14.95 -12.66 -16.91
CA PHE C 239 -15.13 -13.43 -18.13
C PHE C 239 -13.88 -14.12 -18.65
N PHE C 240 -14.07 -15.35 -19.08
CA PHE C 240 -13.27 -15.97 -20.11
C PHE C 240 -13.31 -15.09 -21.34
N PRO C 241 -12.21 -14.95 -22.07
CA PRO C 241 -12.20 -14.02 -23.21
C PRO C 241 -13.25 -14.33 -24.26
N ASN C 242 -13.74 -15.56 -24.32
CA ASN C 242 -14.76 -15.91 -25.30
C ASN C 242 -16.00 -15.04 -25.15
N GLY C 243 -16.30 -14.59 -23.94
CA GLY C 243 -17.55 -13.94 -23.66
C GLY C 243 -18.68 -14.89 -23.34
N ASN C 244 -18.44 -16.19 -23.46
CA ASN C 244 -19.45 -17.20 -23.19
C ASN C 244 -19.31 -17.84 -21.82
N ALA C 245 -18.24 -17.56 -21.10
CA ALA C 245 -18.01 -18.17 -19.79
C ALA C 245 -17.59 -17.11 -18.80
N PHE C 246 -17.92 -17.36 -17.53
CA PHE C 246 -17.37 -16.57 -16.44
C PHE C 246 -17.17 -17.47 -15.24
N ALA C 247 -16.09 -17.24 -14.51
CA ALA C 247 -15.76 -18.00 -13.32
C ALA C 247 -15.76 -17.07 -12.12
N THR C 248 -16.41 -17.48 -11.05
CA THR C 248 -16.59 -16.63 -9.88
C THR C 248 -16.15 -17.37 -8.64
N GLY C 249 -15.41 -16.67 -7.78
CA GLY C 249 -14.88 -17.23 -6.56
C GLY C 249 -15.68 -16.74 -5.38
N SER C 250 -15.88 -17.62 -4.41
CA SER C 250 -16.80 -17.35 -3.31
C SER C 250 -16.06 -17.26 -2.00
N ASP C 251 -16.84 -17.01 -0.94
CA ASP C 251 -16.29 -16.86 0.40
C ASP C 251 -16.06 -18.20 1.07
N ASP C 252 -16.61 -19.28 0.53
CA ASP C 252 -16.08 -20.59 0.82
C ASP C 252 -14.87 -20.79 -0.08
N ALA C 253 -14.23 -21.96 -0.01
CA ALA C 253 -12.94 -22.13 -0.66
C ALA C 253 -13.06 -22.61 -2.10
N THR C 254 -14.14 -22.28 -2.78
CA THR C 254 -14.39 -22.81 -4.12
C THR C 254 -14.46 -21.68 -5.15
N CYS C 255 -13.89 -21.94 -6.32
CA CYS C 255 -14.11 -21.16 -7.52
C CYS C 255 -14.83 -22.05 -8.53
N ARG C 256 -15.90 -21.54 -9.11
CA ARG C 256 -16.70 -22.29 -10.08
C ARG C 256 -16.75 -21.57 -11.41
N LEU C 257 -16.97 -22.35 -12.48
CA LEU C 257 -16.96 -21.83 -13.85
C LEU C 257 -18.35 -22.00 -14.44
N PHE C 258 -18.94 -20.89 -14.87
CA PHE C 258 -20.29 -20.86 -15.41
C PHE C 258 -20.26 -20.52 -16.89
N ASP C 259 -21.13 -21.16 -17.66
CA ASP C 259 -21.27 -20.91 -19.08
C ASP C 259 -22.67 -20.39 -19.36
N LEU C 260 -22.76 -19.29 -20.11
CA LEU C 260 -24.05 -18.63 -20.32
C LEU C 260 -24.98 -19.47 -21.18
N ARG C 261 -24.45 -20.07 -22.24
CA ARG C 261 -25.29 -20.86 -23.14
C ARG C 261 -25.84 -22.10 -22.44
N ALA C 262 -24.98 -22.82 -21.73
CA ALA C 262 -25.45 -23.97 -20.98
C ALA C 262 -26.28 -23.58 -19.78
N ASP C 263 -26.10 -22.37 -19.28
CA ASP C 263 -26.82 -21.89 -18.09
C ASP C 263 -26.62 -22.83 -16.90
N GLN C 264 -25.39 -23.32 -16.74
CA GLN C 264 -25.09 -24.29 -15.69
C GLN C 264 -23.70 -24.08 -15.15
N GLU C 265 -23.43 -24.73 -14.02
CA GLU C 265 -22.08 -24.89 -13.52
C GLU C 265 -21.31 -25.85 -14.42
N LEU C 266 -19.99 -25.66 -14.49
CA LEU C 266 -19.15 -26.55 -15.28
C LEU C 266 -18.09 -27.28 -14.45
N MET C 267 -17.24 -26.54 -13.74
CA MET C 267 -16.16 -27.19 -13.01
C MET C 267 -15.81 -26.40 -11.77
N THR C 268 -15.77 -27.07 -10.61
CA THR C 268 -15.36 -26.47 -9.36
C THR C 268 -13.85 -26.60 -9.18
N TYR C 269 -13.18 -25.46 -9.04
CA TYR C 269 -11.75 -25.46 -8.76
C TYR C 269 -11.58 -25.31 -7.25
N SER C 270 -11.58 -26.45 -6.56
CA SER C 270 -11.45 -26.48 -5.12
C SER C 270 -10.49 -27.58 -4.73
N HIS C 271 -9.89 -27.43 -3.55
CA HIS C 271 -9.03 -28.46 -2.99
C HIS C 271 -9.38 -28.66 -1.52
N ASP C 272 -9.20 -29.89 -1.04
CA ASP C 272 -9.50 -30.19 0.35
C ASP C 272 -8.58 -29.45 1.30
N ASN C 273 -7.36 -29.15 0.85
CA ASN C 273 -6.38 -28.49 1.72
C ASN C 273 -6.67 -27.01 1.93
N ILE C 274 -7.63 -26.44 1.21
CA ILE C 274 -7.91 -25.01 1.27
C ILE C 274 -9.18 -24.79 2.08
N ILE C 275 -9.12 -23.87 3.03
CA ILE C 275 -10.29 -23.45 3.78
C ILE C 275 -10.58 -21.96 3.63
N CYS C 276 -9.58 -21.14 3.33
CA CYS C 276 -9.78 -19.71 3.16
C CYS C 276 -10.60 -19.42 1.91
N GLY C 277 -11.19 -18.22 1.86
CA GLY C 277 -12.04 -17.82 0.76
C GLY C 277 -11.25 -17.19 -0.38
N ILE C 278 -11.98 -16.87 -1.45
CA ILE C 278 -11.42 -16.30 -2.66
C ILE C 278 -11.81 -14.84 -2.73
N THR C 279 -10.85 -13.99 -3.06
CA THR C 279 -11.02 -12.56 -3.02
C THR C 279 -10.81 -11.89 -4.37
N SER C 280 -10.21 -12.57 -5.34
CA SER C 280 -10.07 -12.07 -6.70
C SER C 280 -9.95 -13.26 -7.64
N VAL C 281 -10.48 -13.11 -8.83
CA VAL C 281 -10.38 -14.13 -9.88
C VAL C 281 -10.07 -13.43 -11.19
N SER C 282 -9.08 -13.96 -11.92
CA SER C 282 -8.77 -13.42 -13.24
C SER C 282 -8.29 -14.52 -14.17
N PHE C 283 -8.76 -14.48 -15.40
CA PHE C 283 -8.38 -15.41 -16.46
C PHE C 283 -7.14 -14.94 -17.19
N SER C 284 -6.40 -15.90 -17.72
CA SER C 284 -5.27 -15.57 -18.55
C SER C 284 -5.75 -15.27 -19.97
N LYS C 285 -4.82 -14.81 -20.81
CA LYS C 285 -5.21 -14.33 -22.12
C LYS C 285 -5.83 -15.43 -22.96
N SER C 286 -5.39 -16.67 -22.77
CA SER C 286 -5.87 -17.76 -23.60
C SER C 286 -7.03 -18.52 -22.97
N GLY C 287 -7.42 -18.17 -21.75
CA GLY C 287 -8.43 -18.94 -21.07
C GLY C 287 -7.93 -20.27 -20.54
N ARG C 288 -6.62 -20.39 -20.35
CA ARG C 288 -6.01 -21.63 -19.91
C ARG C 288 -5.49 -21.57 -18.49
N LEU C 289 -5.22 -20.39 -17.98
CA LEU C 289 -4.79 -20.21 -16.60
C LEU C 289 -5.76 -19.30 -15.88
N LEU C 290 -6.18 -19.73 -14.70
CA LEU C 290 -7.18 -19.00 -13.91
C LEU C 290 -6.56 -18.69 -12.55
N LEU C 291 -6.18 -17.44 -12.36
CA LEU C 291 -5.56 -17.03 -11.12
C LEU C 291 -6.63 -16.71 -10.09
N ALA C 292 -6.35 -17.06 -8.83
CA ALA C 292 -7.30 -16.88 -7.75
C ALA C 292 -6.58 -16.38 -6.51
N GLY C 293 -7.07 -15.29 -5.94
CA GLY C 293 -6.48 -14.74 -4.73
C GLY C 293 -7.23 -15.24 -3.51
N TYR C 294 -6.47 -15.62 -2.49
CA TYR C 294 -7.01 -16.26 -1.32
C TYR C 294 -6.63 -15.47 -0.08
N ASP C 295 -7.30 -15.80 1.02
CA ASP C 295 -7.02 -15.13 2.28
C ASP C 295 -5.80 -15.69 3.00
N ASP C 296 -5.22 -16.78 2.51
CA ASP C 296 -4.08 -17.41 3.16
C ASP C 296 -2.77 -16.86 2.66
N PHE C 297 -2.76 -15.61 2.22
CA PHE C 297 -1.60 -14.81 1.86
C PHE C 297 -1.00 -15.16 0.50
N ASN C 298 -1.56 -16.07 -0.29
CA ASN C 298 -0.93 -16.37 -1.57
C ASN C 298 -1.97 -16.66 -2.64
N CYS C 299 -1.58 -16.40 -3.88
CA CYS C 299 -2.43 -16.58 -5.06
C CYS C 299 -2.14 -17.92 -5.69
N ASN C 300 -3.19 -18.70 -5.92
CA ASN C 300 -3.04 -19.95 -6.65
C ASN C 300 -3.35 -19.73 -8.12
N VAL C 301 -2.72 -20.54 -8.96
CA VAL C 301 -2.93 -20.53 -10.39
C VAL C 301 -3.51 -21.87 -10.79
N TRP C 302 -4.68 -21.85 -11.40
CA TRP C 302 -5.39 -23.07 -11.74
C TRP C 302 -5.32 -23.31 -13.23
N ASP C 303 -5.95 -24.38 -13.68
CA ASP C 303 -6.07 -24.70 -15.09
C ASP C 303 -7.55 -24.79 -15.42
N ALA C 304 -8.01 -23.88 -16.26
CA ALA C 304 -9.44 -23.69 -16.46
C ALA C 304 -10.12 -24.93 -17.04
N LEU C 305 -9.36 -25.87 -17.58
CA LEU C 305 -9.95 -27.03 -18.21
C LEU C 305 -9.75 -28.32 -17.44
N LYS C 306 -8.68 -28.44 -16.66
CA LYS C 306 -8.38 -29.67 -15.94
C LYS C 306 -8.61 -29.58 -14.44
N ALA C 307 -8.66 -28.37 -13.89
CA ALA C 307 -8.96 -28.15 -12.47
C ALA C 307 -7.90 -28.76 -11.56
N ASP C 308 -6.65 -28.34 -11.77
CA ASP C 308 -5.54 -28.77 -10.94
C ASP C 308 -4.52 -27.65 -10.85
N ARG C 309 -4.10 -27.31 -9.64
CA ARG C 309 -3.14 -26.23 -9.47
C ARG C 309 -1.89 -26.48 -10.27
N ALA C 310 -1.50 -25.48 -11.06
CA ALA C 310 -0.26 -25.47 -11.78
C ALA C 310 0.71 -24.45 -11.23
N GLY C 311 0.39 -23.80 -10.12
CA GLY C 311 1.34 -22.89 -9.53
C GLY C 311 0.79 -22.28 -8.27
N VAL C 312 1.62 -21.43 -7.67
CA VAL C 312 1.26 -20.67 -6.47
C VAL C 312 2.17 -19.47 -6.42
N LEU C 313 1.61 -18.29 -6.18
CA LEU C 313 2.37 -17.05 -6.14
C LEU C 313 2.61 -16.66 -4.69
N ALA C 314 3.52 -17.37 -4.05
CA ALA C 314 3.83 -17.13 -2.65
C ALA C 314 4.88 -16.04 -2.59
N GLY C 315 4.43 -14.80 -2.49
CA GLY C 315 5.35 -13.71 -2.30
C GLY C 315 4.78 -12.62 -1.43
N HIS C 316 3.62 -12.87 -0.86
CA HIS C 316 2.91 -11.84 -0.12
C HIS C 316 2.83 -12.18 1.35
N ASP C 317 2.74 -11.15 2.18
CA ASP C 317 2.73 -11.30 3.62
C ASP C 317 1.36 -11.04 4.22
N ASN C 318 0.33 -10.91 3.41
CA ASN C 318 -1.01 -10.67 3.93
C ASN C 318 -2.04 -11.08 2.88
N ARG C 319 -3.29 -10.73 3.13
CA ARG C 319 -4.38 -11.13 2.26
C ARG C 319 -4.26 -10.49 0.89
N VAL C 320 -4.13 -11.32 -0.15
CA VAL C 320 -4.33 -10.83 -1.50
C VAL C 320 -5.71 -10.19 -1.59
N SER C 321 -5.82 -9.12 -2.36
CA SER C 321 -7.09 -8.44 -2.46
C SER C 321 -7.47 -8.18 -3.92
N CYS C 322 -6.47 -8.11 -4.80
CA CYS C 322 -6.70 -7.74 -6.18
C CYS C 322 -5.69 -8.43 -7.07
N LEU C 323 -6.10 -8.66 -8.32
CA LEU C 323 -5.38 -9.56 -9.21
C LEU C 323 -5.82 -9.27 -10.63
N GLY C 324 -4.89 -8.83 -11.48
CA GLY C 324 -5.22 -8.50 -12.85
C GLY C 324 -4.19 -8.87 -13.89
N VAL C 325 -4.65 -9.37 -15.03
CA VAL C 325 -3.79 -9.82 -16.12
C VAL C 325 -3.87 -8.83 -17.26
N THR C 326 -2.73 -8.55 -17.88
CA THR C 326 -2.68 -7.53 -18.92
C THR C 326 -3.48 -7.97 -20.14
N ASP C 327 -3.69 -7.02 -21.06
CA ASP C 327 -4.33 -7.35 -22.31
C ASP C 327 -3.39 -8.05 -23.28
N ASP C 328 -2.08 -7.93 -23.06
CA ASP C 328 -1.11 -8.70 -23.81
C ASP C 328 -0.90 -10.10 -23.25
N GLY C 329 -1.46 -10.40 -22.08
CA GLY C 329 -1.27 -11.69 -21.46
C GLY C 329 0.09 -11.90 -20.86
N MET C 330 0.86 -10.84 -20.70
CA MET C 330 2.29 -10.97 -20.46
C MET C 330 2.68 -10.67 -19.02
N ALA C 331 1.76 -10.20 -18.18
CA ALA C 331 2.05 -10.00 -16.78
C ALA C 331 0.80 -10.25 -15.95
N VAL C 332 1.02 -10.54 -14.66
CA VAL C 332 -0.03 -10.54 -13.67
C VAL C 332 0.44 -9.71 -12.49
N ALA C 333 -0.43 -8.87 -11.98
CA ALA C 333 -0.14 -8.06 -10.81
C ALA C 333 -1.05 -8.49 -9.67
N THR C 334 -0.52 -8.43 -8.46
CA THR C 334 -1.25 -8.85 -7.27
C THR C 334 -1.07 -7.79 -6.21
N GLY C 335 -2.18 -7.37 -5.61
CA GLY C 335 -2.16 -6.46 -4.48
C GLY C 335 -2.64 -7.18 -3.24
N SER C 336 -1.99 -6.93 -2.13
CA SER C 336 -2.32 -7.57 -0.88
C SER C 336 -2.36 -6.53 0.23
N TRP C 337 -2.88 -6.95 1.37
CA TRP C 337 -3.03 -6.05 2.49
C TRP C 337 -1.71 -5.56 3.06
N ASP C 338 -0.59 -5.96 2.49
CA ASP C 338 0.72 -5.52 2.94
C ASP C 338 1.18 -4.25 2.24
N SER C 339 0.29 -3.61 1.49
CA SER C 339 0.54 -2.36 0.77
C SER C 339 1.50 -2.53 -0.39
N PHE C 340 1.84 -3.76 -0.76
CA PHE C 340 2.78 -4.01 -1.85
C PHE C 340 2.03 -4.57 -3.04
N LEU C 341 2.55 -4.30 -4.22
CA LEU C 341 1.96 -4.71 -5.48
C LEU C 341 3.09 -5.33 -6.29
N LYS C 342 2.94 -6.59 -6.64
CA LYS C 342 4.01 -7.36 -7.27
C LYS C 342 3.59 -7.78 -8.66
N ILE C 343 4.53 -7.71 -9.61
CA ILE C 343 4.28 -8.07 -11.00
C ILE C 343 5.04 -9.34 -11.32
N TRP C 344 4.36 -10.28 -11.94
CA TRP C 344 4.88 -11.61 -12.21
C TRP C 344 4.87 -11.91 -13.70
N ASN C 345 5.94 -12.57 -14.16
CA ASN C 345 5.87 -13.29 -15.43
C ASN C 345 6.95 -14.36 -15.42
N GLY C 346 6.79 -15.34 -16.29
CA GLY C 346 7.65 -16.49 -16.29
C GLY C 346 8.98 -16.25 -16.98
N SER C 347 9.84 -17.26 -16.91
CA SER C 347 11.17 -17.20 -17.50
C SER C 347 11.41 -18.46 -18.33
N SER C 348 12.13 -18.27 -19.44
CA SER C 348 12.45 -19.38 -20.32
C SER C 348 13.84 -19.21 -20.93
N ILE D 9 -46.90 -8.92 -2.65
CA ILE D 9 -47.80 -9.11 -3.77
C ILE D 9 -47.12 -8.69 -5.07
N ALA D 10 -46.75 -7.40 -5.14
CA ALA D 10 -46.04 -6.91 -6.31
C ALA D 10 -44.69 -7.59 -6.46
N GLN D 11 -43.98 -7.80 -5.35
CA GLN D 11 -42.69 -8.49 -5.41
C GLN D 11 -42.85 -9.93 -5.89
N ALA D 12 -43.90 -10.61 -5.42
CA ALA D 12 -44.14 -11.98 -5.87
C ALA D 12 -44.48 -12.01 -7.36
N ARG D 13 -45.29 -11.05 -7.83
CA ARG D 13 -45.60 -10.97 -9.25
C ARG D 13 -44.35 -10.73 -10.07
N LYS D 14 -43.47 -9.85 -9.59
CA LYS D 14 -42.23 -9.60 -10.30
C LYS D 14 -41.36 -10.85 -10.34
N LEU D 15 -41.32 -11.60 -9.23
CA LEU D 15 -40.54 -12.84 -9.22
C LEU D 15 -41.09 -13.84 -10.20
N VAL D 16 -42.42 -13.98 -10.26
CA VAL D 16 -43.04 -14.90 -11.20
C VAL D 16 -42.73 -14.49 -12.64
N GLU D 17 -42.84 -13.19 -12.93
CA GLU D 17 -42.54 -12.72 -14.27
C GLU D 17 -41.08 -12.99 -14.64
N GLN D 18 -40.16 -12.71 -13.71
CA GLN D 18 -38.75 -12.93 -13.98
C GLN D 18 -38.46 -14.40 -14.22
N LEU D 19 -39.09 -15.29 -13.43
CA LEU D 19 -38.94 -16.72 -13.69
C LEU D 19 -39.52 -17.08 -15.05
N LYS D 20 -40.59 -16.42 -15.47
CA LYS D 20 -41.17 -16.70 -16.77
C LYS D 20 -40.20 -16.34 -17.90
N MET D 21 -39.56 -15.17 -17.80
CA MET D 21 -38.55 -14.84 -18.82
C MET D 21 -37.34 -15.76 -18.70
N GLU D 22 -37.05 -16.25 -17.50
CA GLU D 22 -35.91 -17.14 -17.32
C GLU D 22 -36.14 -18.48 -18.02
N ALA D 23 -37.37 -19.01 -17.93
CA ALA D 23 -37.65 -20.31 -18.53
C ALA D 23 -37.49 -20.27 -20.04
N ASN D 24 -38.01 -19.23 -20.69
CA ASN D 24 -38.03 -19.15 -22.15
C ASN D 24 -36.69 -18.62 -22.68
N ILE D 25 -35.67 -19.45 -22.55
CA ILE D 25 -34.33 -19.13 -23.03
C ILE D 25 -33.72 -20.37 -23.67
N ASP D 26 -33.16 -20.21 -24.86
CA ASP D 26 -32.57 -21.35 -25.56
C ASP D 26 -31.33 -21.84 -24.83
N ARG D 27 -31.11 -23.15 -24.88
CA ARG D 27 -29.97 -23.76 -24.22
C ARG D 27 -29.31 -24.75 -25.16
N ILE D 28 -28.05 -25.06 -24.87
CA ILE D 28 -27.27 -26.02 -25.64
C ILE D 28 -26.72 -27.07 -24.68
N LYS D 29 -26.04 -28.06 -25.24
CA LYS D 29 -25.47 -29.15 -24.47
C LYS D 29 -24.24 -28.68 -23.72
N VAL D 30 -23.96 -29.31 -22.58
CA VAL D 30 -22.73 -29.03 -21.85
C VAL D 30 -21.51 -29.45 -22.67
N SER D 31 -21.63 -30.54 -23.41
CA SER D 31 -20.51 -30.99 -24.21
C SER D 31 -20.10 -29.94 -25.22
N LYS D 32 -21.06 -29.21 -25.77
CA LYS D 32 -20.73 -28.17 -26.72
C LYS D 32 -19.99 -27.01 -26.04
N ALA D 33 -20.41 -26.65 -24.82
CA ALA D 33 -19.70 -25.60 -24.09
C ALA D 33 -18.27 -26.02 -23.76
N ALA D 34 -18.10 -27.27 -23.33
CA ALA D 34 -16.76 -27.76 -23.04
C ALA D 34 -15.89 -27.77 -24.29
N ALA D 35 -16.45 -28.22 -25.41
CA ALA D 35 -15.69 -28.23 -26.66
C ALA D 35 -15.32 -26.82 -27.08
N ASP D 36 -16.24 -25.87 -26.95
CA ASP D 36 -15.94 -24.50 -27.33
C ASP D 36 -14.83 -23.92 -26.47
N LEU D 37 -14.87 -24.18 -25.16
CA LEU D 37 -13.84 -23.64 -24.29
C LEU D 37 -12.48 -24.24 -24.58
N MET D 38 -12.40 -25.57 -24.72
CA MET D 38 -11.11 -26.18 -25.02
C MET D 38 -10.61 -25.75 -26.39
N ALA D 39 -11.51 -25.55 -27.34
CA ALA D 39 -11.11 -25.06 -28.65
C ALA D 39 -10.49 -23.68 -28.55
N TYR D 40 -11.11 -22.78 -27.79
CA TYR D 40 -10.54 -21.45 -27.65
C TYR D 40 -9.18 -21.52 -26.97
N CYS D 41 -9.05 -22.36 -25.95
CA CYS D 41 -7.77 -22.47 -25.25
C CYS D 41 -6.67 -22.95 -26.20
N GLU D 42 -6.96 -23.99 -26.98
CA GLU D 42 -5.95 -24.51 -27.88
C GLU D 42 -5.65 -23.53 -29.00
N ALA D 43 -6.64 -22.74 -29.42
CA ALA D 43 -6.46 -21.88 -30.57
C ALA D 43 -5.50 -20.74 -30.29
N HIS D 44 -5.49 -20.23 -29.05
CA HIS D 44 -4.67 -19.08 -28.71
C HIS D 44 -3.48 -19.44 -27.84
N ALA D 45 -3.06 -20.70 -27.84
CA ALA D 45 -2.01 -21.12 -26.90
C ALA D 45 -0.63 -20.63 -27.31
N LYS D 46 -0.46 -20.18 -28.55
CA LYS D 46 0.84 -19.69 -29.00
C LYS D 46 1.14 -18.30 -28.49
N GLU D 47 0.12 -17.45 -28.36
CA GLU D 47 0.28 -16.06 -27.99
C GLU D 47 -0.01 -15.79 -26.52
N ASP D 48 -0.11 -16.83 -25.70
CA ASP D 48 -0.31 -16.64 -24.27
C ASP D 48 1.04 -16.68 -23.57
N PRO D 49 1.55 -15.56 -23.06
CA PRO D 49 2.91 -15.57 -22.53
C PRO D 49 3.10 -16.37 -21.25
N LEU D 50 2.20 -16.23 -20.27
CA LEU D 50 2.43 -16.88 -18.99
C LEU D 50 2.32 -18.38 -19.11
N LEU D 51 1.47 -18.88 -20.00
CA LEU D 51 1.35 -20.33 -20.17
C LEU D 51 2.56 -20.89 -20.92
N THR D 52 2.98 -20.23 -21.99
CA THR D 52 4.15 -20.64 -22.77
C THR D 52 5.15 -19.51 -22.75
N PRO D 53 6.12 -19.53 -21.84
CA PRO D 53 6.99 -18.37 -21.65
C PRO D 53 7.76 -17.99 -22.90
N VAL D 54 8.02 -16.69 -23.03
CA VAL D 54 8.67 -16.11 -24.20
C VAL D 54 10.14 -15.87 -23.87
N PRO D 55 11.01 -15.77 -24.86
CA PRO D 55 12.43 -15.51 -24.56
C PRO D 55 12.63 -14.19 -23.86
N ALA D 56 13.62 -14.15 -22.99
CA ALA D 56 13.87 -12.95 -22.19
C ALA D 56 14.19 -11.73 -23.04
N SER D 57 14.62 -11.93 -24.28
CA SER D 57 14.87 -10.79 -25.16
C SER D 57 13.57 -10.04 -25.46
N GLU D 58 12.48 -10.77 -25.66
CA GLU D 58 11.19 -10.15 -25.97
C GLU D 58 10.42 -9.72 -24.73
N ASN D 59 10.89 -10.09 -23.54
CA ASN D 59 10.18 -9.77 -22.31
C ASN D 59 10.48 -8.33 -21.88
N PRO D 60 9.46 -7.48 -21.72
CA PRO D 60 9.73 -6.09 -21.31
C PRO D 60 9.99 -5.93 -19.84
N PHE D 61 9.76 -6.96 -19.05
CA PHE D 61 9.96 -6.87 -17.60
C PHE D 61 11.36 -7.30 -17.16
N ARG D 62 12.15 -7.91 -18.04
CA ARG D 62 13.57 -8.12 -17.78
C ARG D 62 14.48 -7.84 -18.96
N GLU D 63 13.96 -7.76 -20.18
CA GLU D 63 14.76 -7.50 -21.38
C GLU D 63 15.96 -8.44 -21.51
N VAL E 39 -4.52 27.49 -20.17
CA VAL E 39 -3.11 27.75 -19.95
C VAL E 39 -2.71 29.05 -20.60
N GLN E 40 -1.81 29.80 -19.96
CA GLN E 40 -1.44 31.11 -20.46
C GLN E 40 -0.14 31.53 -19.81
N LEU E 41 0.92 31.67 -20.62
CA LEU E 41 2.25 32.04 -20.16
C LEU E 41 2.64 33.36 -20.80
N VAL E 42 2.96 34.36 -19.98
CA VAL E 42 3.46 35.62 -20.47
C VAL E 42 4.74 35.96 -19.71
N GLU E 43 5.73 36.44 -20.44
CA GLU E 43 7.00 36.80 -19.84
C GLU E 43 7.47 38.14 -20.35
N SER E 44 8.08 38.91 -19.46
CA SER E 44 8.50 40.26 -19.76
C SER E 44 9.88 40.48 -19.16
N GLY E 45 10.50 41.59 -19.54
CA GLY E 45 11.77 41.93 -18.98
C GLY E 45 12.86 42.22 -20.00
N GLY E 46 12.48 42.56 -21.23
CA GLY E 46 13.45 42.77 -22.28
C GLY E 46 13.53 44.21 -22.75
N GLY E 47 14.56 44.46 -23.56
CA GLY E 47 14.78 45.76 -24.15
C GLY E 47 16.26 45.98 -24.38
N LEU E 48 16.60 47.24 -24.65
CA LEU E 48 17.99 47.59 -24.95
C LEU E 48 18.85 47.53 -23.70
N VAL E 49 19.99 46.86 -23.81
CA VAL E 49 21.00 46.83 -22.76
C VAL E 49 22.37 46.99 -23.39
N GLN E 50 23.20 47.84 -22.78
CA GLN E 50 24.57 48.02 -23.26
C GLN E 50 25.36 46.74 -23.02
N PRO E 51 26.34 46.45 -23.88
CA PRO E 51 27.09 45.21 -23.73
C PRO E 51 27.81 45.14 -22.40
N GLY E 52 27.87 43.94 -21.84
CA GLY E 52 28.47 43.72 -20.55
C GLY E 52 27.52 43.85 -19.38
N GLY E 53 26.31 44.31 -19.60
CA GLY E 53 25.35 44.47 -18.53
C GLY E 53 24.70 43.16 -18.16
N SER E 54 23.58 43.27 -17.45
CA SER E 54 22.84 42.10 -17.02
C SER E 54 21.36 42.46 -16.99
N ARG E 55 20.51 41.44 -17.10
CA ARG E 55 19.07 41.65 -17.04
C ARG E 55 18.38 40.34 -16.74
N LYS E 56 17.28 40.43 -15.99
CA LYS E 56 16.53 39.27 -15.54
C LYS E 56 15.23 39.17 -16.32
N LEU E 57 14.93 37.98 -16.80
CA LEU E 57 13.68 37.71 -17.49
C LEU E 57 12.79 36.89 -16.57
N SER E 58 11.53 37.26 -16.48
CA SER E 58 10.57 36.57 -15.63
C SER E 58 9.37 36.14 -16.46
N CYS E 59 8.86 34.95 -16.18
CA CYS E 59 7.76 34.36 -16.93
C CYS E 59 6.64 34.01 -15.96
N SER E 60 5.55 34.76 -16.02
CA SER E 60 4.45 34.64 -15.07
C SER E 60 3.42 33.64 -15.59
N ALA E 61 3.48 32.42 -15.11
CA ALA E 61 2.54 31.39 -15.50
C ALA E 61 1.25 31.52 -14.72
N SER E 62 0.15 31.20 -15.39
CA SER E 62 -1.18 31.28 -14.77
C SER E 62 -2.14 30.44 -15.58
N GLY E 63 -2.67 29.39 -14.98
CA GLY E 63 -3.66 28.59 -15.65
C GLY E 63 -3.37 27.10 -15.64
N PHE E 64 -2.29 26.71 -14.97
CA PHE E 64 -1.92 25.30 -14.92
C PHE E 64 -1.07 25.05 -13.68
N ALA E 65 -0.94 23.78 -13.33
CA ALA E 65 -0.21 23.38 -12.13
C ALA E 65 1.30 23.53 -12.32
N PHE E 66 1.80 24.74 -12.08
CA PHE E 66 3.18 25.09 -12.40
C PHE E 66 4.18 24.15 -11.77
N SER E 67 3.88 23.63 -10.58
CA SER E 67 4.86 22.83 -9.87
C SER E 67 5.11 21.49 -10.56
N SER E 68 4.16 21.00 -11.34
CA SER E 68 4.31 19.71 -11.99
C SER E 68 4.99 19.80 -13.34
N PHE E 69 5.33 20.99 -13.82
CA PHE E 69 5.97 21.17 -15.11
C PHE E 69 7.39 21.67 -14.95
N GLY E 70 8.28 21.12 -15.77
CA GLY E 70 9.58 21.69 -15.94
C GLY E 70 9.56 22.70 -17.07
N MET E 71 10.39 23.73 -16.92
CA MET E 71 10.40 24.84 -17.88
C MET E 71 11.65 24.80 -18.75
N HIS E 72 11.61 25.61 -19.78
CA HIS E 72 12.68 25.75 -20.75
C HIS E 72 12.76 27.20 -21.17
N TRP E 73 13.89 27.57 -21.75
CA TRP E 73 14.05 28.84 -22.44
C TRP E 73 14.62 28.56 -23.82
N VAL E 74 13.92 29.00 -24.85
CA VAL E 74 14.35 28.87 -26.24
C VAL E 74 14.41 30.26 -26.83
N ARG E 75 15.40 30.52 -27.67
CA ARG E 75 15.60 31.86 -28.20
C ARG E 75 15.71 31.85 -29.70
N GLN E 76 15.28 32.93 -30.32
CA GLN E 76 15.24 33.06 -31.77
C GLN E 76 15.95 34.34 -32.16
N ALA E 77 17.05 34.20 -32.89
CA ALA E 77 17.78 35.36 -33.37
C ALA E 77 16.91 36.13 -34.36
N PRO E 78 17.23 37.41 -34.61
CA PRO E 78 16.28 38.26 -35.32
C PRO E 78 15.79 37.71 -36.66
N GLU E 79 16.63 37.00 -37.40
CA GLU E 79 16.19 36.38 -38.64
C GLU E 79 16.76 34.98 -38.78
N LYS E 80 16.84 34.24 -37.67
CA LYS E 80 17.43 32.92 -37.69
C LYS E 80 16.48 31.91 -37.07
N GLY E 81 16.97 30.70 -36.82
CA GLY E 81 16.16 29.65 -36.24
C GLY E 81 16.19 29.69 -34.74
N LEU E 82 15.82 28.56 -34.14
CA LEU E 82 15.70 28.48 -32.69
C LEU E 82 16.98 27.97 -32.07
N GLU E 83 17.10 28.15 -30.75
CA GLU E 83 18.30 27.77 -30.02
C GLU E 83 17.95 27.63 -28.55
N TRP E 84 18.16 26.44 -28.00
CA TRP E 84 17.85 26.14 -26.61
C TRP E 84 18.78 26.91 -25.69
N VAL E 85 18.28 27.30 -24.52
CA VAL E 85 19.03 28.19 -23.64
C VAL E 85 19.26 27.64 -22.25
N ALA E 86 18.20 27.21 -21.56
CA ALA E 86 18.34 26.69 -20.22
C ALA E 86 17.31 25.60 -20.00
N TYR E 87 17.22 25.13 -18.75
CA TYR E 87 16.23 24.14 -18.32
C TYR E 87 16.21 24.02 -16.80
N ILE E 88 15.02 24.09 -16.20
CA ILE E 88 14.84 23.81 -14.78
C ILE E 88 13.65 22.87 -14.65
N SER E 89 13.79 21.86 -13.82
CA SER E 89 12.81 20.79 -13.76
C SER E 89 11.91 20.95 -12.55
N SER E 90 10.84 20.16 -12.54
CA SER E 90 9.96 20.08 -11.38
C SER E 90 10.77 19.71 -10.16
N GLY E 91 10.57 20.44 -9.07
CA GLY E 91 11.40 20.27 -7.91
C GLY E 91 12.68 21.05 -7.91
N SER E 92 12.97 21.79 -8.99
CA SER E 92 14.16 22.62 -9.11
C SER E 92 15.45 21.82 -8.95
N GLY E 93 15.40 20.52 -9.18
CA GLY E 93 16.53 19.67 -8.88
C GLY E 93 17.50 19.40 -10.01
N THR E 94 17.04 19.56 -11.24
CA THR E 94 17.86 19.36 -12.42
C THR E 94 17.90 20.65 -13.22
N ILE E 95 19.09 21.13 -13.53
CA ILE E 95 19.27 22.32 -14.32
C ILE E 95 20.35 22.07 -15.35
N TYR E 96 20.06 22.37 -16.61
CA TYR E 96 21.00 22.23 -17.70
C TYR E 96 21.12 23.56 -18.40
N TYR E 97 22.24 23.77 -19.08
CA TYR E 97 22.39 24.97 -19.89
C TYR E 97 23.00 24.58 -21.23
N ALA E 98 23.21 25.58 -22.06
CA ALA E 98 23.89 25.43 -23.33
C ALA E 98 25.34 25.87 -23.18
N ASP E 99 26.16 25.46 -24.15
CA ASP E 99 27.59 25.75 -24.04
C ASP E 99 27.86 27.24 -24.13
N THR E 100 27.01 27.99 -24.82
CA THR E 100 27.26 29.40 -25.06
C THR E 100 26.68 30.32 -24.00
N VAL E 101 26.06 29.76 -22.96
CA VAL E 101 25.51 30.59 -21.89
C VAL E 101 25.84 30.03 -20.52
N LYS E 102 26.67 28.97 -20.47
CA LYS E 102 26.65 28.10 -19.29
C LYS E 102 27.14 28.81 -18.04
N GLY E 103 28.29 29.44 -18.10
CA GLY E 103 28.82 30.05 -16.90
C GLY E 103 28.36 31.48 -16.76
N ARG E 104 27.32 31.83 -17.50
CA ARG E 104 26.99 33.21 -17.73
C ARG E 104 25.52 33.49 -17.44
N PHE E 105 24.67 32.49 -17.63
CA PHE E 105 23.24 32.58 -17.35
C PHE E 105 22.87 31.62 -16.24
N THR E 106 21.84 31.98 -15.48
CA THR E 106 21.29 31.07 -14.49
C THR E 106 19.77 31.11 -14.55
N ILE E 107 19.16 30.01 -14.17
CA ILE E 107 17.73 29.82 -14.27
C ILE E 107 17.20 29.44 -12.90
N SER E 108 16.10 30.09 -12.50
CA SER E 108 15.48 29.82 -11.21
C SER E 108 13.98 29.98 -11.34
N ARG E 109 13.25 29.28 -10.47
CA ARG E 109 11.80 29.33 -10.47
C ARG E 109 11.29 29.58 -9.07
N ASP E 110 10.08 30.16 -8.99
CA ASP E 110 9.39 30.43 -7.74
C ASP E 110 8.02 29.77 -7.83
N ASP E 111 7.92 28.54 -7.32
CA ASP E 111 6.66 27.81 -7.41
C ASP E 111 5.50 28.51 -6.72
N PRO E 112 5.63 29.02 -5.48
CA PRO E 112 4.47 29.68 -4.87
C PRO E 112 3.96 30.86 -5.67
N LYS E 113 4.85 31.66 -6.25
CA LYS E 113 4.44 32.85 -6.98
C LYS E 113 4.11 32.58 -8.43
N ASN E 114 4.31 31.34 -8.90
CA ASN E 114 4.01 30.96 -10.28
C ASN E 114 4.75 31.85 -11.27
N THR E 115 6.05 32.00 -11.06
CA THR E 115 6.89 32.76 -11.97
C THR E 115 8.22 32.03 -12.18
N LEU E 116 8.82 32.25 -13.34
CA LEU E 116 10.06 31.60 -13.73
C LEU E 116 11.05 32.64 -14.22
N PHE E 117 12.30 32.52 -13.78
CA PHE E 117 13.31 33.55 -14.03
C PHE E 117 14.42 33.04 -14.94
N LEU E 118 15.20 33.99 -15.46
CA LEU E 118 16.43 33.70 -16.17
C LEU E 118 17.34 34.90 -15.96
N GLN E 119 18.38 34.73 -15.15
CA GLN E 119 19.27 35.84 -14.84
C GLN E 119 20.45 35.84 -15.80
N MET E 120 20.40 36.74 -16.77
CA MET E 120 21.49 36.89 -17.74
C MET E 120 22.51 37.86 -17.19
N THR E 121 23.79 37.53 -17.40
CA THR E 121 24.89 38.34 -16.90
C THR E 121 25.93 38.54 -18.00
N SER E 122 26.50 39.73 -18.08
CA SER E 122 27.57 40.04 -19.03
C SER E 122 27.12 39.73 -20.46
N LEU E 123 26.14 40.48 -20.92
CA LEU E 123 25.52 40.18 -22.20
C LEU E 123 26.39 40.62 -23.36
N ARG E 124 26.54 39.74 -24.34
CA ARG E 124 27.31 39.98 -25.55
C ARG E 124 26.38 40.20 -26.73
N SER E 125 26.97 40.64 -27.84
CA SER E 125 26.19 41.02 -29.00
C SER E 125 25.51 39.84 -29.68
N GLU E 126 25.88 38.62 -29.34
CA GLU E 126 25.25 37.44 -29.92
C GLU E 126 24.06 36.97 -29.11
N ASP E 127 23.56 37.81 -28.19
CA ASP E 127 22.41 37.47 -27.38
C ASP E 127 21.17 38.26 -27.75
N THR E 128 21.17 38.94 -28.88
CA THR E 128 19.95 39.54 -29.41
C THR E 128 19.05 38.43 -29.92
N ALA E 129 17.92 38.23 -29.23
CA ALA E 129 17.05 37.11 -29.57
C ALA E 129 15.68 37.37 -28.98
N MET E 130 14.74 36.51 -29.37
CA MET E 130 13.36 36.58 -28.92
C MET E 130 13.17 35.40 -27.98
N TYR E 131 13.32 35.64 -26.68
CA TYR E 131 13.34 34.54 -25.72
C TYR E 131 11.93 34.07 -25.42
N TYR E 132 11.75 32.75 -25.39
CA TYR E 132 10.46 32.14 -25.18
C TYR E 132 10.49 31.32 -23.90
N CYS E 133 9.30 31.05 -23.38
CA CYS E 133 9.10 30.39 -22.10
C CYS E 133 8.24 29.17 -22.37
N VAL E 134 8.88 28.01 -22.47
CA VAL E 134 8.23 26.80 -22.95
C VAL E 134 8.05 25.85 -21.79
N ARG E 135 6.86 25.26 -21.70
CA ARG E 135 6.58 24.32 -20.64
C ARG E 135 6.69 22.91 -21.17
N SER E 136 7.10 21.99 -20.29
CA SER E 136 7.26 20.61 -20.69
C SER E 136 7.12 19.74 -19.46
N ILE E 137 6.27 18.73 -19.56
CA ILE E 137 6.08 17.77 -18.48
C ILE E 137 6.54 16.42 -18.99
N TYR E 138 7.24 15.67 -18.13
CA TYR E 138 7.80 14.39 -18.52
C TYR E 138 7.25 13.32 -17.58
N TYR E 139 6.29 12.55 -18.07
CA TYR E 139 5.92 11.27 -17.51
C TYR E 139 5.61 10.35 -18.68
N TYR E 140 5.16 9.14 -18.40
CA TYR E 140 4.89 8.22 -19.49
C TYR E 140 3.71 8.72 -20.30
N GLY E 141 3.97 9.08 -21.56
CA GLY E 141 2.93 9.53 -22.43
C GLY E 141 2.68 11.01 -22.42
N SER E 142 3.54 11.81 -21.81
CA SER E 142 3.33 13.24 -21.79
C SER E 142 3.69 13.83 -23.16
N SER E 143 3.47 15.13 -23.28
CA SER E 143 3.72 15.86 -24.52
C SER E 143 4.57 17.08 -24.22
N PRO E 144 5.88 16.91 -24.15
CA PRO E 144 6.75 18.06 -23.85
C PRO E 144 6.68 19.14 -24.91
N PHE E 145 6.95 20.37 -24.48
CA PHE E 145 6.92 21.54 -25.35
C PHE E 145 5.53 21.77 -25.92
N ASP E 146 4.52 21.63 -25.06
CA ASP E 146 3.13 21.72 -25.48
C ASP E 146 2.55 23.11 -25.39
N PHE E 147 3.29 24.08 -24.85
CA PHE E 147 2.80 25.44 -24.81
C PHE E 147 3.97 26.40 -24.77
N TRP E 148 3.92 27.40 -25.64
CA TRP E 148 4.98 28.38 -25.78
C TRP E 148 4.40 29.76 -25.51
N GLY E 149 5.05 30.51 -24.65
CA GLY E 149 4.62 31.86 -24.39
C GLY E 149 4.80 32.75 -25.60
N GLN E 150 4.35 34.00 -25.45
CA GLN E 150 4.39 34.94 -26.57
C GLN E 150 5.80 35.43 -26.86
N GLY E 151 6.63 35.56 -25.86
CA GLY E 151 8.01 35.96 -26.12
C GLY E 151 8.31 37.34 -25.57
N THR E 152 9.57 37.56 -25.25
CA THR E 152 10.09 38.88 -24.93
C THR E 152 11.29 39.17 -25.80
N THR E 153 11.45 40.43 -26.18
CA THR E 153 12.51 40.84 -27.08
C THR E 153 13.66 41.43 -26.28
N LEU E 154 14.86 40.90 -26.51
CA LEU E 154 16.08 41.41 -25.90
C LEU E 154 17.03 41.82 -27.01
N THR E 155 17.53 43.05 -26.93
CA THR E 155 18.40 43.58 -27.95
C THR E 155 19.63 44.18 -27.29
N VAL E 156 20.81 43.83 -27.80
CA VAL E 156 22.06 44.32 -27.25
C VAL E 156 22.82 45.04 -28.34
N SER E 157 23.34 46.22 -28.02
CA SER E 157 24.02 47.04 -29.00
C SER E 157 25.46 46.60 -29.21
N ASP E 175 25.53 19.19 -29.60
CA ASP E 175 26.42 18.19 -30.17
C ASP E 175 25.81 17.55 -31.40
N ILE E 176 24.54 17.19 -31.33
CA ILE E 176 23.88 16.55 -32.46
C ILE E 176 23.46 17.61 -33.45
N VAL E 177 23.81 17.41 -34.71
CA VAL E 177 23.49 18.37 -35.77
C VAL E 177 22.22 17.91 -36.45
N MET E 178 21.25 18.80 -36.54
CA MET E 178 20.00 18.55 -37.25
C MET E 178 20.04 19.40 -38.52
N THR E 179 20.01 18.75 -39.67
CA THR E 179 20.16 19.44 -40.95
C THR E 179 18.82 19.45 -41.66
N GLN E 180 18.32 20.65 -41.96
CA GLN E 180 17.18 20.84 -42.83
C GLN E 180 17.73 21.44 -44.12
N ALA E 181 18.13 20.56 -45.04
CA ALA E 181 18.77 21.01 -46.26
C ALA E 181 17.89 22.00 -47.02
N THR E 182 16.61 21.69 -47.13
CA THR E 182 15.71 22.62 -47.78
C THR E 182 15.49 23.84 -46.89
N SER E 183 15.22 24.97 -47.54
CA SER E 183 14.97 26.19 -46.79
C SER E 183 13.82 27.01 -47.34
N SER E 184 13.17 26.59 -48.42
CA SER E 184 12.00 27.29 -48.93
C SER E 184 11.24 26.35 -49.84
N VAL E 185 9.92 26.37 -49.74
CA VAL E 185 9.09 25.53 -50.59
C VAL E 185 7.86 26.31 -51.05
N PRO E 186 7.73 26.60 -52.34
CA PRO E 186 6.45 27.11 -52.84
C PRO E 186 5.39 26.02 -52.81
N VAL E 187 4.16 26.43 -52.55
CA VAL E 187 3.06 25.47 -52.46
C VAL E 187 1.74 26.23 -52.64
N THR E 188 0.75 25.56 -53.19
CA THR E 188 -0.58 26.11 -53.40
C THR E 188 -1.60 25.31 -52.61
N PRO E 189 -2.66 25.96 -52.13
CA PRO E 189 -3.57 25.30 -51.19
C PRO E 189 -4.14 24.02 -51.78
N GLY E 190 -4.32 23.03 -50.91
CA GLY E 190 -4.84 21.75 -51.31
C GLY E 190 -3.82 20.77 -51.81
N GLU E 191 -2.55 21.14 -51.85
CA GLU E 191 -1.50 20.24 -52.27
C GLU E 191 -0.82 19.65 -51.04
N SER E 192 -0.40 18.39 -51.14
CA SER E 192 0.17 17.69 -50.01
C SER E 192 1.67 17.91 -49.98
N VAL E 193 2.16 18.49 -48.90
CA VAL E 193 3.54 18.91 -48.77
C VAL E 193 4.29 17.86 -48.00
N SER E 194 5.62 17.93 -48.02
CA SER E 194 6.43 16.99 -47.26
C SER E 194 7.75 17.66 -46.92
N ILE E 195 7.94 17.98 -45.66
CA ILE E 195 9.11 18.72 -45.18
C ILE E 195 10.05 17.74 -44.51
N SER E 196 11.35 17.85 -44.82
CA SER E 196 12.34 16.88 -44.36
C SER E 196 13.31 17.51 -43.37
N CYS E 197 14.05 16.63 -42.69
CA CYS E 197 14.97 16.99 -41.62
C CYS E 197 15.89 15.79 -41.38
N ARG E 198 17.18 16.06 -41.26
CA ARG E 198 18.17 14.99 -41.14
C ARG E 198 18.91 15.12 -39.82
N SER E 199 19.54 14.02 -39.40
CA SER E 199 20.18 13.97 -38.10
C SER E 199 21.60 13.44 -38.23
N SER E 200 22.46 13.82 -37.27
CA SER E 200 23.82 13.31 -37.22
C SER E 200 23.87 11.93 -36.58
N LYS E 201 23.45 11.84 -35.33
CA LYS E 201 23.32 10.58 -34.63
C LYS E 201 21.93 10.00 -34.88
N SER E 202 21.71 8.76 -34.46
CA SER E 202 20.40 8.15 -34.60
C SER E 202 19.60 8.39 -33.34
N LEU E 203 18.41 8.95 -33.51
CA LEU E 203 17.58 9.40 -32.39
C LEU E 203 16.69 8.30 -31.83
N LEU E 204 16.69 7.12 -32.42
CA LEU E 204 15.90 6.01 -31.89
C LEU E 204 16.64 5.41 -30.73
N HIS E 205 16.21 5.77 -29.52
CA HIS E 205 16.78 5.20 -28.32
C HIS E 205 16.36 3.74 -28.18
N SER E 206 17.06 3.02 -27.30
CA SER E 206 16.84 1.59 -27.19
C SER E 206 15.47 1.24 -26.66
N ASN E 207 14.73 2.21 -26.12
CA ASN E 207 13.43 1.92 -25.52
C ASN E 207 12.27 2.18 -26.47
N GLY E 208 12.53 2.55 -27.72
CA GLY E 208 11.50 2.67 -28.72
C GLY E 208 11.20 4.08 -29.16
N ASN E 209 11.52 5.08 -28.35
CA ASN E 209 11.22 6.45 -28.70
C ASN E 209 12.21 6.95 -29.73
N THR E 210 11.76 7.91 -30.54
CA THR E 210 12.65 8.54 -31.52
C THR E 210 13.03 9.96 -31.17
N TYR E 211 12.29 10.63 -30.29
CA TYR E 211 12.70 11.91 -29.73
C TYR E 211 12.96 12.96 -30.80
N LEU E 212 12.15 12.97 -31.85
CA LEU E 212 12.14 14.08 -32.77
C LEU E 212 10.87 14.89 -32.59
N TYR E 213 11.01 16.20 -32.55
CA TYR E 213 9.89 17.11 -32.33
C TYR E 213 9.77 18.01 -33.56
N TRP E 214 8.53 18.35 -33.90
CA TRP E 214 8.23 19.24 -35.02
C TRP E 214 7.39 20.40 -34.52
N PHE E 215 7.66 21.59 -35.03
CA PHE E 215 6.98 22.81 -34.61
C PHE E 215 6.55 23.60 -35.83
N LEU E 216 5.75 24.64 -35.58
CA LEU E 216 5.26 25.51 -36.64
C LEU E 216 5.03 26.88 -36.02
N GLN E 217 5.81 27.87 -36.43
CA GLN E 217 5.57 29.23 -36.00
C GLN E 217 5.08 30.05 -37.19
N ARG E 218 3.90 30.60 -37.07
CA ARG E 218 3.22 31.30 -38.13
C ARG E 218 3.83 32.68 -38.30
N PRO E 219 3.40 33.45 -39.30
CA PRO E 219 4.04 34.74 -39.57
C PRO E 219 4.46 35.57 -38.38
N GLY E 220 3.55 35.87 -37.47
CA GLY E 220 3.94 36.75 -36.38
C GLY E 220 3.59 36.22 -35.02
N GLN E 221 3.69 34.91 -34.84
CA GLN E 221 3.23 34.25 -33.64
C GLN E 221 4.35 33.46 -33.00
N SER E 222 4.10 33.01 -31.78
CA SER E 222 4.96 32.09 -31.09
C SER E 222 4.83 30.70 -31.69
N PRO E 223 5.83 29.85 -31.54
CA PRO E 223 5.75 28.50 -32.08
C PRO E 223 4.66 27.67 -31.46
N GLN E 224 4.50 26.46 -31.96
CA GLN E 224 3.36 25.64 -31.60
C GLN E 224 3.67 24.21 -31.96
N LEU E 225 3.45 23.31 -31.01
CA LEU E 225 3.82 21.93 -31.19
C LEU E 225 2.88 21.27 -32.19
N LEU E 226 3.47 20.54 -33.12
CA LEU E 226 2.72 19.68 -34.01
C LEU E 226 2.94 18.21 -33.71
N ILE E 227 4.19 17.77 -33.64
CA ILE E 227 4.51 16.36 -33.47
C ILE E 227 5.52 16.22 -32.35
N TYR E 228 5.28 15.29 -31.44
CA TYR E 228 6.22 14.93 -30.39
C TYR E 228 6.56 13.46 -30.51
N ARG E 229 7.85 13.15 -30.35
CA ARG E 229 8.40 11.80 -30.52
C ARG E 229 8.16 11.25 -31.91
N MET E 230 8.19 12.14 -32.91
CA MET E 230 8.29 11.82 -34.33
C MET E 230 7.02 11.24 -34.94
N SER E 231 6.03 10.89 -34.13
CA SER E 231 4.87 10.23 -34.69
C SER E 231 3.54 10.60 -34.06
N ASN E 232 3.50 11.57 -33.17
CA ASN E 232 2.29 11.88 -32.41
C ASN E 232 1.79 13.29 -32.76
N LEU E 233 0.60 13.60 -32.25
CA LEU E 233 -0.04 14.87 -32.52
C LEU E 233 -0.34 15.58 -31.22
N ALA E 234 -0.07 16.88 -31.18
CA ALA E 234 -0.39 17.68 -30.02
C ALA E 234 -1.90 17.75 -29.87
N SER E 235 -2.33 18.40 -28.79
CA SER E 235 -3.74 18.34 -28.41
C SER E 235 -4.64 18.98 -29.46
N GLY E 236 -4.33 20.21 -29.86
CA GLY E 236 -5.22 20.95 -30.73
C GLY E 236 -4.75 21.09 -32.16
N VAL E 237 -4.23 20.02 -32.73
CA VAL E 237 -3.62 20.05 -34.06
C VAL E 237 -4.47 19.22 -35.00
N PRO E 238 -4.77 19.70 -36.21
CA PRO E 238 -5.61 18.95 -37.13
C PRO E 238 -4.97 17.64 -37.55
N ASP E 239 -5.82 16.70 -37.98
CA ASP E 239 -5.41 15.37 -38.36
C ASP E 239 -4.58 15.39 -39.65
N ARG E 240 -4.56 16.52 -40.35
CA ARG E 240 -3.80 16.60 -41.60
C ARG E 240 -2.33 16.27 -41.36
N PHE E 241 -1.74 16.84 -40.32
CA PHE E 241 -0.33 16.67 -40.06
C PHE E 241 -0.02 15.23 -39.65
N SER E 242 1.09 14.71 -40.15
CA SER E 242 1.53 13.38 -39.80
C SER E 242 3.02 13.28 -40.05
N GLY E 243 3.73 12.63 -39.14
CA GLY E 243 5.18 12.56 -39.19
C GLY E 243 5.66 11.12 -39.23
N SER E 244 6.66 10.87 -40.07
CA SER E 244 7.25 9.56 -40.20
C SER E 244 8.76 9.72 -40.26
N GLY E 245 9.45 8.66 -39.93
CA GLY E 245 10.90 8.69 -39.98
C GLY E 245 11.46 7.31 -39.77
N SER E 246 12.76 7.20 -39.99
CA SER E 246 13.44 5.93 -39.88
C SER E 246 14.34 5.83 -38.67
N GLY E 247 14.98 6.91 -38.28
CA GLY E 247 15.94 6.87 -37.21
C GLY E 247 17.08 7.82 -37.50
N THR E 248 17.22 8.19 -38.75
CA THR E 248 18.14 9.25 -39.13
C THR E 248 17.49 10.28 -40.03
N ALA E 249 16.58 9.87 -40.90
CA ALA E 249 15.93 10.77 -41.85
C ALA E 249 14.46 10.89 -41.52
N PHE E 250 13.93 12.11 -41.57
CA PHE E 250 12.61 12.42 -41.05
C PHE E 250 11.81 13.27 -42.03
N THR E 251 10.50 13.14 -41.95
CA THR E 251 9.59 13.87 -42.82
C THR E 251 8.34 14.29 -42.07
N LEU E 252 7.77 15.42 -42.46
CA LEU E 252 6.51 15.92 -41.92
C LEU E 252 5.59 16.20 -43.09
N THR E 253 4.49 15.46 -43.17
CA THR E 253 3.65 15.44 -44.35
C THR E 253 2.30 16.08 -44.03
N ILE E 254 2.06 17.27 -44.57
CA ILE E 254 0.73 17.88 -44.52
C ILE E 254 -0.11 17.32 -45.65
N SER E 255 -1.37 17.02 -45.36
CA SER E 255 -2.23 16.40 -46.37
C SER E 255 -2.88 17.44 -47.26
N ARG E 256 -3.65 18.34 -46.67
CA ARG E 256 -4.33 19.40 -47.42
C ARG E 256 -4.02 20.73 -46.76
N LEU E 257 -3.10 21.47 -47.36
CA LEU E 257 -2.63 22.72 -46.78
C LEU E 257 -3.70 23.80 -46.85
N GLU E 258 -3.72 24.67 -45.84
CA GLU E 258 -4.60 25.83 -45.81
C GLU E 258 -3.81 27.09 -45.49
N ALA E 259 -4.47 28.23 -45.68
CA ALA E 259 -3.80 29.51 -45.54
C ALA E 259 -3.32 29.77 -44.13
N GLU E 260 -3.79 29.00 -43.15
CA GLU E 260 -3.29 29.12 -41.79
C GLU E 260 -2.13 28.18 -41.51
N ASP E 261 -1.62 27.49 -42.52
CA ASP E 261 -0.50 26.58 -42.35
C ASP E 261 0.81 27.16 -42.86
N VAL E 262 0.81 28.36 -43.38
CA VAL E 262 2.04 28.96 -43.88
C VAL E 262 2.87 29.43 -42.71
N GLY E 263 4.16 29.22 -42.78
CA GLY E 263 5.06 29.62 -41.71
C GLY E 263 6.40 28.94 -41.86
N VAL E 264 7.06 28.69 -40.74
CA VAL E 264 8.35 28.04 -40.71
C VAL E 264 8.24 26.81 -39.81
N TYR E 265 8.67 25.66 -40.31
CA TYR E 265 8.57 24.39 -39.62
C TYR E 265 9.94 24.00 -39.09
N TYR E 266 10.00 23.68 -37.80
CA TYR E 266 11.25 23.46 -37.09
C TYR E 266 11.29 22.06 -36.53
N CYS E 267 12.47 21.48 -36.52
CA CYS E 267 12.69 20.15 -35.96
C CYS E 267 13.73 20.24 -34.85
N MET E 268 13.40 19.63 -33.72
CA MET E 268 14.24 19.62 -32.52
C MET E 268 14.47 18.20 -32.08
N GLN E 269 15.63 17.94 -31.50
CA GLN E 269 15.94 16.66 -30.92
C GLN E 269 15.85 16.74 -29.40
N HIS E 270 15.52 15.62 -28.77
CA HIS E 270 15.49 15.59 -27.33
C HIS E 270 16.13 14.32 -26.79
N LEU E 271 17.14 13.81 -27.50
CA LEU E 271 17.79 12.59 -27.04
C LEU E 271 18.73 12.88 -25.89
N GLU E 272 19.40 14.02 -25.91
CA GLU E 272 20.36 14.36 -24.89
C GLU E 272 20.63 15.84 -24.95
N TYR E 273 20.95 16.38 -23.85
CA TYR E 273 21.27 17.79 -23.81
C TYR E 273 22.67 18.03 -24.35
N PRO E 274 22.90 19.11 -25.09
CA PRO E 274 21.96 20.17 -25.40
C PRO E 274 20.95 19.82 -26.47
N LEU E 275 19.78 20.45 -26.42
CA LEU E 275 18.80 20.32 -27.47
C LEU E 275 19.16 21.22 -28.63
N THR E 276 19.10 20.68 -29.84
CA THR E 276 19.52 21.40 -31.03
C THR E 276 18.38 21.44 -32.03
N PHE E 277 18.28 22.55 -32.75
CA PHE E 277 17.21 22.79 -33.68
C PHE E 277 17.72 22.69 -35.12
N GLY E 278 16.77 22.68 -36.04
CA GLY E 278 17.06 22.84 -37.44
C GLY E 278 17.22 24.29 -37.78
N ALA E 279 17.15 24.57 -39.07
CA ALA E 279 17.25 25.94 -39.53
C ALA E 279 15.94 26.47 -40.06
N GLY E 280 14.96 25.62 -40.23
CA GLY E 280 13.70 26.13 -40.74
C GLY E 280 13.46 25.72 -42.17
N THR E 281 12.19 25.60 -42.52
CA THR E 281 11.75 25.24 -43.86
C THR E 281 10.50 26.07 -44.14
N LYS E 282 10.70 27.25 -44.69
CA LYS E 282 9.58 28.16 -44.86
C LYS E 282 8.68 27.69 -45.98
N LEU E 283 7.37 27.70 -45.72
CA LEU E 283 6.37 27.47 -46.75
C LEU E 283 5.74 28.82 -47.10
N GLU E 284 5.87 29.21 -48.36
CA GLU E 284 5.27 30.42 -48.86
C GLU E 284 4.05 30.07 -49.70
N LEU E 285 3.26 31.08 -50.03
CA LEU E 285 2.00 30.80 -50.65
C LEU E 285 1.74 31.75 -51.82
#